data_7P1H
#
_entry.id   7P1H
#
_cell.length_a   1.00
_cell.length_b   1.00
_cell.length_c   1.00
_cell.angle_alpha   90.00
_cell.angle_beta   90.00
_cell.angle_gamma   90.00
#
_symmetry.space_group_name_H-M   'P 1'
#
loop_
_entity.id
_entity.type
_entity.pdbx_description
1 polymer 'Maltose/maltodextrin-binding periplasmic protein,RTX-toxin'
2 polymer 'Actin, cytoplasmic 1'
3 polymer Profilin-1
4 non-polymer 'CALCIUM ION'
5 non-polymer "ADENOSINE-5'-TRIPHOSPHATE"
#
loop_
_entity_poly.entity_id
_entity_poly.type
_entity_poly.pdbx_seq_one_letter_code
_entity_poly.pdbx_strand_id
1 'polypeptide(L)'
;MGSSHHHHHHSSGLVPRGSHMKIEEGKLVIWINGDKGYNGLAEVGKKFEKDTGIKVTVEHPDKLEEKFPQVAATGDGPDI
IFWAHDRFGGYAQSGLLAEITPDKAFQDKLYPFTWDAVRYNGKLIAYPIAVEALSLIYNKDLLPNPPKTWEEIPALDKEL
KAKGKSALMFNLQEPYFTWPLIAADGGYAFKYENGKYDIKDVGVDNAGAKAGLTFLVDLIKNKHMNADTDYSIAEAAFNK
GETAMTINGPWAWSNIDTSKVNYGVTVLPTFKGQPSKPFVGVLSAGINAASPNKELAKEFLENYLLTDEGLEAVNKDKPL
GAVALKSYEEELVKDPRIAATMENAQKGEIMPNIPQMSAFWYAVRTAVINAASGRQTVDEALKDAQTNSGSSGSSVEASD
TELGTNTDAPHKNYQSRDLVLEPIVQPETIELGMPDSDQKILAEVAERENVIIGVRPVDEKSKSLIDSKLYSSKGLFVKA
KSSDWGPMSGFIPVDQAFAKASARRDLDKFNGYAEQSIESGNAVSADLYLNQVRIDELVSKYQSLTALEFDAESGMYKTT
ATNGDQTVTFFLNKVTVDSKDLWQVHYIKDGKLAPFKVIGDPVSKQPMTADYDLLTVMYSYSDLGPQDKLKQPLTWEQWK
ESVTYEELTPKYKELYNSEVLYNKKDGASLGVVSDRLKALKDVINTSLGRTDGLEMVHHGADDANPYAVMADNFPATFFV
PKSFFMEDGLGEGKGSIQTYFNVNEQGAVVIRDPQEFSNFQQVAINVSYRASLNDKWNVGLDDPLFTPKSKLSHDFLNAK
EEVIKKLSGEVETNVRTTQLLTDNEGL
;
A
2 'polypeptide(L)'
;DIAALVVDNGSGMCKAGFAGDDAPRAVFPSIVGRPRHQGVMVGMGQKDSYVGDEAQSKRGILTLKYPIE(HIC)GIVTNW
DDMEKIWHHTFYNELRVAPEEHPVLLTEAPLNPKANREKMTQIMFETFNTPAMYVAIQAVLSLYASGRTTGIVMDSGDGV
THTVPIYEGYALPHAILRLDLAGRDLTDYLMKILTERGYSFTTTAEREIVRDIKEKLCYVALDFEQEMATAASSSSLEKS
YELPDGQVITIGNERFRCPEALFQPSFLGMESAGIHETTFNSIMKCDVDIRKDLYANTVLSGGTTMYPGIADRMQKEITA
LAPSTMKIKIIAPPERKYSVWIGGSILASLSTFQQMWISKQEYDESGPSIVHRKCF
;
B
3 'polypeptide(L)'
;MAGWNAYIDNLMADGTCQDAAIVGYKDSPSVWAAVPGKTFVNITPAEVGVLVGKDRSSFYVNGLTLGGQKCSVIRDSLLQ
DGEFSMDLRTKSTGGAPTFNVTVTKTDKTLVLLMGKEGVHGGLINKKCYEMASHLRRSQY
;
P
#
# COMPACT_ATOMS: atom_id res chain seq x y z
N ARG A 417 -26.34 27.76 13.31
CA ARG A 417 -25.49 26.71 12.69
C ARG A 417 -24.17 26.60 13.46
N ASP A 418 -24.23 26.92 14.75
CA ASP A 418 -23.03 26.90 15.59
C ASP A 418 -22.37 25.54 15.60
N LEU A 419 -23.13 24.48 15.37
CA LEU A 419 -22.58 23.13 15.51
C LEU A 419 -21.32 22.93 14.68
N VAL A 420 -21.34 23.37 13.42
CA VAL A 420 -20.13 23.42 12.61
C VAL A 420 -19.22 24.59 12.98
N LEU A 421 -19.78 25.73 13.41
CA LEU A 421 -18.97 26.94 13.58
C LEU A 421 -18.00 26.86 14.76
N GLU A 422 -18.40 26.25 15.87
CA GLU A 422 -17.39 25.97 16.90
C GLU A 422 -16.29 25.10 16.33
N PRO A 423 -16.59 24.04 15.58
CA PRO A 423 -15.55 23.33 14.84
C PRO A 423 -14.74 24.23 13.92
N ILE A 424 -15.33 25.29 13.39
CA ILE A 424 -14.57 26.31 12.69
C ILE A 424 -13.75 27.18 13.65
N VAL A 425 -14.34 27.54 14.80
CA VAL A 425 -13.69 28.46 15.72
C VAL A 425 -12.40 27.87 16.31
N GLN A 426 -12.44 26.61 16.73
CA GLN A 426 -11.23 26.00 17.26
C GLN A 426 -10.05 26.00 16.29
N PRO A 427 -10.23 25.70 15.01
CA PRO A 427 -9.17 25.97 14.02
C PRO A 427 -8.65 27.39 14.00
N GLU A 428 -9.52 28.38 14.30
CA GLU A 428 -9.06 29.75 14.40
C GLU A 428 -7.94 29.92 15.43
N THR A 429 -7.92 29.12 16.49
CA THR A 429 -6.80 29.18 17.43
C THR A 429 -5.47 28.79 16.80
N ILE A 430 -5.46 27.77 15.94
CA ILE A 430 -4.22 27.46 15.23
C ILE A 430 -3.93 28.52 14.17
N GLU A 431 -4.96 29.05 13.53
CA GLU A 431 -4.75 30.08 12.51
C GLU A 431 -4.14 31.31 13.15
N LEU A 432 -4.46 31.56 14.42
CA LEU A 432 -3.69 32.48 15.22
C LEU A 432 -2.27 31.95 15.40
N GLY A 433 -2.15 30.65 15.65
CA GLY A 433 -0.83 30.07 15.89
C GLY A 433 0.03 30.00 14.64
N MET A 434 -0.56 29.68 13.49
CA MET A 434 0.21 29.32 12.29
C MET A 434 -0.23 30.11 11.07
N PRO A 435 0.72 30.65 10.29
CA PRO A 435 0.38 31.68 9.29
C PRO A 435 -0.35 31.11 8.08
N ASP A 436 -1.44 31.78 7.71
CA ASP A 436 -2.27 31.36 6.58
C ASP A 436 -1.53 31.38 5.24
N SER A 437 -0.55 32.28 5.06
CA SER A 437 0.29 32.23 3.87
C SER A 437 0.96 30.85 3.70
N ASP A 438 1.44 30.29 4.80
CA ASP A 438 2.03 28.96 4.73
C ASP A 438 0.96 27.90 4.51
N GLN A 439 -0.21 28.09 5.10
CA GLN A 439 -1.33 27.21 4.78
C GLN A 439 -1.68 27.24 3.30
N LYS A 440 -1.55 28.40 2.65
CA LYS A 440 -1.72 28.50 1.21
C LYS A 440 -0.69 27.65 0.47
N ILE A 441 0.57 27.81 0.82
CA ILE A 441 1.63 27.11 0.10
C ILE A 441 1.46 25.60 0.28
N LEU A 442 1.27 25.17 1.52
CA LEU A 442 1.19 23.74 1.82
C LEU A 442 -0.10 23.10 1.33
N ALA A 443 -1.21 23.85 1.27
CA ALA A 443 -2.38 23.40 0.53
C ALA A 443 -2.08 23.22 -0.95
N GLU A 444 -1.28 24.11 -1.54
CA GLU A 444 -0.93 23.92 -2.94
C GLU A 444 -0.05 22.69 -3.14
N VAL A 445 0.84 22.41 -2.20
CA VAL A 445 1.61 21.16 -2.22
C VAL A 445 0.73 19.93 -2.06
N ALA A 446 -0.25 20.00 -1.16
CA ALA A 446 -1.23 18.93 -1.00
C ALA A 446 -2.08 18.72 -2.24
N GLU A 447 -2.31 19.76 -3.03
CA GLU A 447 -2.88 19.56 -4.36
C GLU A 447 -1.89 18.90 -5.31
N ARG A 448 -0.67 19.42 -5.36
CA ARG A 448 0.28 18.97 -6.37
C ARG A 448 0.73 17.54 -6.11
N GLU A 449 0.96 17.18 -4.86
CA GLU A 449 1.20 15.81 -4.45
C GLU A 449 -0.01 15.27 -3.72
N ASN A 450 -0.48 14.10 -4.14
CA ASN A 450 -1.72 13.52 -3.60
C ASN A 450 -1.41 12.89 -2.24
N VAL A 451 -1.20 13.76 -1.25
CA VAL A 451 -0.86 13.30 0.09
C VAL A 451 -1.54 14.18 1.13
N ILE A 452 -1.84 13.55 2.27
CA ILE A 452 -2.20 14.24 3.50
C ILE A 452 -0.92 14.67 4.21
N ILE A 453 -0.94 15.90 4.73
CA ILE A 453 0.19 16.46 5.48
C ILE A 453 -0.29 16.95 6.84
N GLY A 454 0.13 16.28 7.91
CA GLY A 454 -0.16 16.73 9.26
C GLY A 454 0.91 17.68 9.80
N VAL A 455 0.50 18.53 10.74
CA VAL A 455 1.45 19.38 11.46
C VAL A 455 0.96 19.59 12.89
N ARG A 456 1.90 19.59 13.83
CA ARG A 456 1.60 19.91 15.22
C ARG A 456 1.25 21.39 15.38
N PRO A 457 0.60 21.74 16.50
CA PRO A 457 0.39 23.14 16.83
C PRO A 457 1.69 23.93 16.95
N VAL A 458 1.67 25.18 16.50
CA VAL A 458 2.59 26.22 16.96
C VAL A 458 1.79 27.45 17.38
N ASP A 459 2.42 28.30 18.18
CA ASP A 459 1.70 29.40 18.84
C ASP A 459 2.29 30.76 18.51
N GLU A 460 1.54 31.79 18.90
CA GLU A 460 1.58 33.08 18.21
C GLU A 460 2.96 33.74 18.19
N LYS A 461 3.77 33.59 19.24
CA LYS A 461 5.12 34.12 19.12
C LYS A 461 5.87 33.40 18.00
N SER A 462 5.56 32.13 17.78
CA SER A 462 6.07 31.45 16.60
C SER A 462 5.58 32.14 15.34
N LYS A 463 4.34 32.66 15.36
CA LYS A 463 3.89 33.52 14.26
C LYS A 463 4.80 34.73 14.09
N SER A 464 5.17 35.38 15.18
CA SER A 464 6.04 36.56 15.10
C SER A 464 7.40 36.22 14.48
N LEU A 465 8.01 35.12 14.93
CA LEU A 465 9.32 34.74 14.40
C LEU A 465 9.23 34.22 12.96
N ILE A 466 8.15 33.51 12.63
CA ILE A 466 7.96 33.06 11.25
C ILE A 466 7.76 34.26 10.34
N ASP A 467 6.98 35.24 10.78
CA ASP A 467 6.83 36.47 10.03
C ASP A 467 8.15 37.21 9.88
N SER A 468 9.03 37.12 10.88
CA SER A 468 10.38 37.66 10.68
C SER A 468 11.11 36.96 9.55
N LYS A 469 10.86 35.67 9.33
CA LYS A 469 11.64 34.84 8.41
C LYS A 469 13.14 34.90 8.71
N LEU A 470 13.47 35.36 9.91
CA LEU A 470 14.80 35.89 10.20
C LEU A 470 15.81 34.83 10.61
N TYR A 471 15.36 33.71 11.17
CA TYR A 471 16.23 32.83 11.93
C TYR A 471 15.97 31.37 11.59
N SER A 472 16.99 30.56 11.88
CA SER A 472 16.88 29.12 11.82
C SER A 472 15.91 28.64 12.90
N SER A 473 15.58 27.36 12.84
CA SER A 473 14.65 26.78 13.78
C SER A 473 15.19 25.49 14.37
N LYS A 474 14.48 25.06 15.42
CA LYS A 474 14.83 23.89 16.19
C LYS A 474 14.95 22.65 15.31
N GLY A 475 15.80 21.72 15.77
CA GLY A 475 16.18 20.55 15.01
C GLY A 475 16.08 19.28 15.82
N LEU A 476 16.85 18.27 15.43
CA LEU A 476 16.95 17.03 16.19
C LEU A 476 18.01 17.11 17.27
N PHE A 477 19.20 17.59 16.92
CA PHE A 477 20.29 17.65 17.89
C PHE A 477 19.92 18.53 19.07
N VAL A 478 19.20 19.62 18.82
CA VAL A 478 18.92 20.62 19.83
C VAL A 478 17.67 20.20 20.60
N LYS A 479 17.74 19.01 21.20
CA LYS A 479 16.61 18.28 21.73
C LYS A 479 15.91 19.05 22.84
N ALA A 480 16.43 20.23 23.16
CA ALA A 480 15.80 21.11 24.13
C ALA A 480 14.40 21.50 23.68
N LYS A 481 13.54 21.76 24.66
CA LYS A 481 12.11 21.84 24.43
C LYS A 481 11.71 23.20 23.87
N SER A 482 10.75 23.19 22.95
CA SER A 482 10.01 24.39 22.60
C SER A 482 9.47 25.05 23.87
N SER A 483 9.96 26.24 24.18
CA SER A 483 9.61 26.90 25.43
C SER A 483 8.14 27.31 25.48
N ASP A 484 7.70 27.54 26.72
CA ASP A 484 6.29 27.49 27.09
C ASP A 484 5.64 28.84 27.39
N TRP A 485 6.42 29.92 27.50
CA TRP A 485 5.82 31.23 27.74
C TRP A 485 6.49 32.35 26.98
N GLY A 486 5.66 33.31 26.56
CA GLY A 486 6.08 34.67 26.35
C GLY A 486 7.21 34.77 25.37
N PRO A 487 8.08 35.76 25.58
CA PRO A 487 9.14 35.99 24.59
C PRO A 487 9.93 34.73 24.40
N MET A 488 10.17 34.05 25.52
CA MET A 488 11.01 32.87 25.57
C MET A 488 10.38 31.68 24.84
N SER A 489 9.05 31.55 24.92
CA SER A 489 8.36 30.59 24.06
C SER A 489 8.64 30.83 22.59
N GLY A 490 8.99 32.07 22.23
CA GLY A 490 9.49 32.31 20.89
C GLY A 490 10.69 31.44 20.58
N PHE A 491 11.47 31.11 21.60
CA PHE A 491 12.76 30.49 21.44
C PHE A 491 12.84 29.33 22.41
N ILE A 492 14.05 28.85 22.69
CA ILE A 492 14.32 27.92 23.77
C ILE A 492 15.32 28.59 24.71
N PRO A 493 15.03 28.68 26.00
CA PRO A 493 15.98 29.33 26.91
C PRO A 493 17.22 28.50 27.09
N VAL A 494 18.29 29.17 27.51
CA VAL A 494 19.47 28.46 27.97
C VAL A 494 19.14 27.64 29.22
N ASP A 495 18.18 28.09 30.03
CA ASP A 495 17.65 27.26 31.11
C ASP A 495 16.19 26.95 30.90
N GLN A 496 15.89 25.65 30.77
CA GLN A 496 14.54 25.13 30.60
C GLN A 496 13.62 25.52 31.74
N ALA A 497 14.16 25.90 32.90
CA ALA A 497 13.32 26.42 33.98
C ALA A 497 12.44 27.57 33.52
N PHE A 498 12.84 28.25 32.44
CA PHE A 498 12.01 29.28 31.84
C PHE A 498 11.21 28.72 30.67
N ALA A 499 11.10 27.39 30.59
CA ALA A 499 10.39 26.66 29.56
C ALA A 499 9.52 25.57 30.17
N LYS A 500 8.73 25.94 31.18
CA LYS A 500 8.12 24.97 32.08
C LYS A 500 6.84 24.40 31.48
N ALA A 501 6.99 23.34 30.71
CA ALA A 501 5.93 22.36 30.55
C ALA A 501 6.56 20.97 30.58
N SER A 502 5.80 20.01 31.11
CA SER A 502 6.35 18.81 31.72
C SER A 502 7.13 19.18 32.97
N ALA A 503 7.68 18.17 33.64
CA ALA A 503 8.15 18.31 35.01
C ALA A 503 9.66 18.46 35.09
N ARG A 504 10.10 18.85 36.29
CA ARG A 504 11.50 19.14 36.59
C ARG A 504 12.48 18.12 36.02
N ARG A 505 12.29 16.84 36.33
CA ARG A 505 13.17 15.80 35.82
C ARG A 505 13.30 15.84 34.29
N ASP A 506 12.20 16.15 33.60
CA ASP A 506 12.26 16.25 32.14
C ASP A 506 13.02 17.49 31.71
N LEU A 507 12.74 18.62 32.34
CA LEU A 507 13.49 19.83 32.04
C LEU A 507 14.98 19.68 32.41
N ASP A 508 15.28 18.79 33.36
CA ASP A 508 16.66 18.44 33.66
C ASP A 508 17.30 17.61 32.55
N LYS A 509 16.56 16.63 32.03
CA LYS A 509 17.06 15.93 30.85
C LYS A 509 17.27 16.89 29.69
N PHE A 510 16.36 17.83 29.51
CA PHE A 510 16.50 18.80 28.42
C PHE A 510 17.68 19.73 28.65
N ASN A 511 17.95 20.11 29.90
CA ASN A 511 19.19 20.82 30.21
C ASN A 511 20.41 19.96 29.92
N GLY A 512 20.31 18.65 30.20
CA GLY A 512 21.31 17.72 29.70
C GLY A 512 21.52 17.83 28.21
N TYR A 513 20.43 17.78 27.45
CA TYR A 513 20.53 17.87 25.99
C TYR A 513 21.14 19.20 25.58
N ALA A 514 20.84 20.25 26.33
CA ALA A 514 21.45 21.56 26.07
C ALA A 514 22.94 21.52 26.28
N GLU A 515 23.37 21.01 27.43
CA GLU A 515 24.79 20.89 27.73
C GLU A 515 25.50 20.03 26.70
N GLN A 516 24.85 18.94 26.27
CA GLN A 516 25.37 18.13 25.17
C GLN A 516 25.56 18.96 23.91
N SER A 517 24.53 19.72 23.53
CA SER A 517 24.60 20.55 22.34
C SER A 517 25.75 21.54 22.43
N ILE A 518 25.90 22.13 23.61
CA ILE A 518 26.95 23.10 23.90
C ILE A 518 28.34 22.46 23.77
N GLU A 519 28.51 21.27 24.33
CA GLU A 519 29.79 20.58 24.20
C GLU A 519 30.05 20.14 22.77
N SER A 520 29.00 19.75 22.05
CA SER A 520 29.15 19.35 20.66
C SER A 520 29.39 20.53 19.75
N GLY A 521 28.99 21.73 20.17
CA GLY A 521 29.03 22.88 19.29
C GLY A 521 27.97 22.85 18.23
N ASN A 522 26.90 22.08 18.43
CA ASN A 522 25.69 22.17 17.63
C ASN A 522 24.62 23.03 18.28
N ALA A 523 24.89 23.58 19.47
CA ALA A 523 24.24 24.79 19.92
C ALA A 523 25.24 25.71 20.59
N VAL A 524 25.04 27.01 20.40
CA VAL A 524 25.69 28.04 21.20
C VAL A 524 24.63 28.70 22.07
N SER A 525 25.03 29.62 22.93
CA SER A 525 24.12 30.21 23.89
C SER A 525 24.18 31.71 23.68
N ALA A 526 23.00 32.32 23.53
CA ALA A 526 22.83 33.53 22.76
C ALA A 526 21.88 34.45 23.50
N ASP A 527 21.90 35.71 23.13
CA ASP A 527 21.36 36.79 23.93
C ASP A 527 20.22 37.39 23.14
N LEU A 528 19.21 37.88 23.85
CA LEU A 528 17.85 37.92 23.33
C LEU A 528 17.37 39.34 23.18
N TYR A 529 16.94 39.67 21.96
CA TYR A 529 16.80 41.04 21.51
C TYR A 529 15.43 41.20 20.89
N LEU A 530 14.66 42.16 21.38
CA LEU A 530 13.26 42.29 21.05
C LEU A 530 12.96 43.73 20.67
N ASN A 531 12.06 43.91 19.72
CA ASN A 531 11.79 45.21 19.13
C ASN A 531 10.30 45.51 19.19
N GLN A 532 10.00 46.80 19.35
CA GLN A 532 8.75 47.21 19.95
C GLN A 532 7.54 46.61 19.26
N VAL A 533 7.61 46.37 17.95
CA VAL A 533 6.57 45.64 17.25
C VAL A 533 6.30 44.27 17.87
N ARG A 534 7.34 43.61 18.37
CA ARG A 534 7.17 42.35 19.08
C ARG A 534 6.52 42.55 20.44
N ILE A 535 6.93 43.58 21.18
CA ILE A 535 6.29 43.88 22.45
C ILE A 535 4.83 44.23 22.25
N ASP A 536 4.54 45.07 21.27
CA ASP A 536 3.16 45.43 20.96
C ASP A 536 2.31 44.22 20.62
N GLU A 537 2.88 43.26 19.88
CA GLU A 537 2.18 41.99 19.70
C GLU A 537 1.95 41.30 21.04
N LEU A 538 3.00 41.18 21.84
CA LEU A 538 2.95 40.35 23.04
C LEU A 538 1.97 40.90 24.08
N VAL A 539 1.95 42.21 24.26
CA VAL A 539 1.01 42.85 25.17
C VAL A 539 -0.37 42.97 24.54
N SER A 540 -0.44 43.54 23.33
CA SER A 540 -1.72 43.91 22.75
C SER A 540 -2.40 42.68 22.17
N LYS A 541 -1.73 42.07 21.18
CA LYS A 541 -2.30 40.94 20.48
C LYS A 541 -2.25 39.69 21.35
N TYR A 542 -1.12 39.46 22.00
CA TYR A 542 -0.86 38.21 22.69
C TYR A 542 -1.28 38.25 24.16
N GLN A 543 -1.46 39.45 24.73
CA GLN A 543 -1.91 39.58 26.11
C GLN A 543 -0.99 38.86 27.09
N SER A 544 0.30 38.79 26.76
CA SER A 544 1.21 37.85 27.39
C SER A 544 2.50 38.47 27.88
N LEU A 545 2.69 39.78 27.73
CA LEU A 545 3.61 40.53 28.56
C LEU A 545 2.87 41.63 29.33
N THR A 546 3.17 41.72 30.62
CA THR A 546 2.66 42.77 31.49
C THR A 546 3.43 44.06 31.29
N ALA A 547 2.75 45.18 31.53
CA ALA A 547 3.32 46.48 31.21
C ALA A 547 4.65 46.70 31.92
N LEU A 548 5.63 47.13 31.14
CA LEU A 548 6.96 47.50 31.61
C LEU A 548 6.93 48.80 32.41
N GLU A 549 7.85 48.92 33.38
CA GLU A 549 8.08 50.22 34.01
C GLU A 549 9.55 50.35 34.38
N PHE A 550 10.11 51.53 34.13
CA PHE A 550 11.53 51.75 34.36
C PHE A 550 11.91 51.67 35.84
N ASP A 551 12.98 50.92 36.11
CA ASP A 551 13.68 50.88 37.38
C ASP A 551 15.10 51.41 37.15
N ALA A 552 15.45 52.48 37.86
CA ALA A 552 16.79 53.06 37.79
C ALA A 552 17.83 52.18 38.47
N GLU A 553 17.42 51.27 39.36
CA GLU A 553 18.38 50.38 39.99
C GLU A 553 18.84 49.31 39.02
N SER A 554 17.91 48.73 38.26
CA SER A 554 18.28 47.83 37.19
C SER A 554 18.77 48.60 35.97
N GLY A 555 18.35 49.86 35.83
CA GLY A 555 18.51 50.56 34.57
C GLY A 555 17.71 49.90 33.49
N MET A 556 16.58 49.31 33.86
CA MET A 556 15.80 48.48 32.96
C MET A 556 14.34 48.64 33.32
N TYR A 557 13.46 48.36 32.37
CA TYR A 557 12.05 48.30 32.71
C TYR A 557 11.75 46.91 33.26
N LYS A 558 11.25 46.87 34.48
CA LYS A 558 10.74 45.64 35.06
C LYS A 558 9.43 45.24 34.39
N THR A 559 9.25 43.92 34.25
CA THR A 559 8.08 43.29 33.68
C THR A 559 7.87 41.97 34.41
N THR A 560 6.67 41.42 34.27
CA THR A 560 6.34 40.18 34.95
C THR A 560 5.40 39.38 34.08
N ALA A 561 5.44 38.06 34.23
CA ALA A 561 4.43 37.23 33.58
C ALA A 561 4.40 35.84 34.20
N THR A 562 3.24 35.19 34.06
CA THR A 562 3.02 33.80 34.47
C THR A 562 3.66 32.84 33.47
N ASN A 563 4.97 32.63 33.61
CA ASN A 563 5.66 31.73 32.70
C ASN A 563 5.20 30.29 32.92
N GLY A 564 5.31 29.82 34.16
CA GLY A 564 4.64 28.60 34.56
C GLY A 564 3.23 28.91 35.01
N ASP A 565 2.81 28.37 36.16
CA ASP A 565 1.77 29.01 36.93
C ASP A 565 2.29 30.18 37.76
N GLN A 566 3.58 30.19 38.07
CA GLN A 566 4.18 31.27 38.83
C GLN A 566 4.33 32.50 37.95
N THR A 567 3.97 33.65 38.49
CA THR A 567 4.40 34.91 37.90
C THR A 567 5.87 35.10 38.25
N VAL A 568 6.67 35.46 37.25
CA VAL A 568 8.10 35.68 37.38
C VAL A 568 8.44 37.07 36.91
N THR A 569 9.52 37.61 37.46
CA THR A 569 9.97 38.97 37.23
C THR A 569 11.18 38.99 36.29
N PHE A 570 11.17 39.96 35.37
CA PHE A 570 12.20 40.09 34.35
C PHE A 570 12.54 41.57 34.21
N PHE A 571 13.79 41.86 33.87
CA PHE A 571 14.23 43.23 33.70
C PHE A 571 14.79 43.41 32.30
N LEU A 572 14.27 44.42 31.59
CA LEU A 572 14.46 44.55 30.17
C LEU A 572 15.25 45.82 29.91
N ASN A 573 16.33 45.71 29.15
CA ASN A 573 17.16 46.87 28.84
C ASN A 573 16.95 47.33 27.42
N LYS A 574 16.65 48.61 27.25
CA LYS A 574 16.57 49.18 25.92
C LYS A 574 18.01 49.49 25.52
N VAL A 575 18.48 48.85 24.45
CA VAL A 575 19.87 48.94 24.03
C VAL A 575 19.92 49.09 22.53
N THR A 576 20.87 49.88 22.05
CA THR A 576 21.15 49.98 20.63
C THR A 576 21.98 48.76 20.21
N VAL A 577 21.33 47.84 19.53
CA VAL A 577 21.90 46.58 19.07
C VAL A 577 21.56 46.46 17.60
N ASP A 578 22.58 46.16 16.78
CA ASP A 578 22.48 46.29 15.33
C ASP A 578 21.92 47.66 14.92
N SER A 579 22.18 48.66 15.75
CA SER A 579 21.69 50.03 15.64
C SER A 579 20.17 50.17 15.75
N LYS A 580 19.43 49.09 16.01
CA LYS A 580 18.04 49.19 16.44
C LYS A 580 17.94 49.27 17.95
N ASP A 581 16.92 49.97 18.44
CA ASP A 581 16.60 49.97 19.87
C ASP A 581 15.93 48.67 20.30
N LEU A 582 16.75 47.62 20.38
CA LEU A 582 16.29 46.33 20.86
C LEU A 582 16.04 46.36 22.36
N TRP A 583 15.04 45.62 22.81
CA TRP A 583 15.05 45.16 24.19
C TRP A 583 15.92 43.93 24.32
N GLN A 584 16.79 43.95 25.31
CA GLN A 584 17.55 42.79 25.76
C GLN A 584 16.97 42.32 27.08
N VAL A 585 16.58 41.06 27.13
CA VAL A 585 15.95 40.50 28.33
C VAL A 585 17.01 40.12 29.34
N HIS A 586 16.68 40.30 30.62
CA HIS A 586 17.53 39.86 31.71
C HIS A 586 16.65 39.26 32.80
N TYR A 587 17.30 38.46 33.63
CA TYR A 587 16.66 37.70 34.69
C TYR A 587 17.59 37.62 35.89
N ILE A 588 17.01 37.41 37.06
CA ILE A 588 17.78 37.31 38.29
C ILE A 588 18.25 35.88 38.50
N LYS A 589 19.56 35.72 38.63
CA LYS A 589 20.17 34.49 39.09
C LYS A 589 20.96 34.84 40.35
N ASP A 590 20.68 34.13 41.43
CA ASP A 590 21.37 34.34 42.70
C ASP A 590 21.31 35.81 43.12
N GLY A 591 20.14 36.42 42.89
CA GLY A 591 19.91 37.80 43.25
C GLY A 591 20.57 38.83 42.36
N LYS A 592 21.29 38.40 41.33
CA LYS A 592 21.98 39.31 40.42
C LYS A 592 21.34 39.24 39.04
N LEU A 593 21.09 40.39 38.45
CA LEU A 593 20.50 40.44 37.11
C LEU A 593 21.55 40.10 36.07
N ALA A 594 21.28 39.05 35.29
CA ALA A 594 22.11 38.49 34.24
C ALA A 594 21.33 38.54 32.93
N PRO A 595 21.99 38.76 31.80
CA PRO A 595 21.26 38.73 30.54
C PRO A 595 20.67 37.36 30.29
N PHE A 596 19.41 37.35 29.85
CA PHE A 596 18.72 36.12 29.52
C PHE A 596 19.17 35.55 28.18
N LYS A 597 19.35 34.23 28.15
CA LYS A 597 19.89 33.55 26.98
C LYS A 597 19.02 32.40 26.52
N VAL A 598 19.21 32.10 25.23
CA VAL A 598 18.45 31.13 24.46
C VAL A 598 19.47 30.37 23.61
N ILE A 599 18.99 29.34 22.92
CA ILE A 599 19.87 28.60 22.04
C ILE A 599 20.15 29.44 20.80
N GLY A 600 21.44 29.64 20.49
CA GLY A 600 21.87 30.24 19.25
C GLY A 600 22.38 29.23 18.25
N ASP A 601 22.28 29.59 16.98
CA ASP A 601 22.77 28.75 15.90
C ASP A 601 24.29 28.80 15.83
N PRO A 602 24.98 27.66 15.95
CA PRO A 602 26.45 27.70 15.91
C PRO A 602 27.00 28.33 14.64
N VAL A 603 26.25 28.26 13.54
CA VAL A 603 26.73 28.78 12.27
C VAL A 603 26.58 30.29 12.20
N SER A 604 25.35 30.77 12.37
CA SER A 604 25.05 32.20 12.27
C SER A 604 25.12 32.89 13.62
N LYS A 605 25.30 32.15 14.70
CA LYS A 605 25.30 32.72 16.05
C LYS A 605 24.01 33.50 16.27
N GLN A 606 22.90 32.95 15.80
CA GLN A 606 21.62 33.61 15.93
C GLN A 606 20.55 32.65 16.42
N PRO A 607 19.59 33.14 17.18
CA PRO A 607 18.77 32.25 18.02
C PRO A 607 17.97 31.29 17.17
N MET A 608 18.03 30.00 17.51
CA MET A 608 17.18 29.03 16.85
C MET A 608 15.73 29.21 17.27
N THR A 609 14.85 29.35 16.28
CA THR A 609 13.42 29.34 16.49
C THR A 609 12.92 27.90 16.66
N ALA A 610 11.69 27.75 17.15
CA ALA A 610 11.02 26.47 17.01
C ALA A 610 10.82 26.12 15.53
N ASP A 611 10.86 24.82 15.27
CA ASP A 611 10.65 24.24 13.94
C ASP A 611 9.17 24.18 13.58
N TYR A 612 8.84 23.38 12.57
CA TYR A 612 7.53 22.76 12.48
C TYR A 612 7.72 21.27 12.67
N ASP A 613 7.09 20.73 13.71
CA ASP A 613 6.95 19.30 13.86
C ASP A 613 5.82 18.81 12.98
N LEU A 614 5.99 17.62 12.45
CA LEU A 614 4.99 17.03 11.58
C LEU A 614 4.43 15.75 12.15
N LEU A 615 3.23 15.49 11.68
CA LEU A 615 2.26 14.54 12.15
C LEU A 615 2.05 13.80 10.84
N THR A 616 1.09 12.90 10.70
CA THR A 616 1.32 11.82 9.76
C THR A 616 1.14 12.33 8.35
N VAL A 617 1.93 11.74 7.46
CA VAL A 617 1.92 12.05 6.04
C VAL A 617 1.45 10.78 5.36
N MET A 618 0.39 10.91 4.59
CA MET A 618 -0.33 9.73 4.12
C MET A 618 -0.58 9.80 2.63
N TYR A 619 -0.44 8.63 2.01
CA TYR A 619 -0.27 8.45 0.58
C TYR A 619 -1.22 7.36 0.13
N SER A 620 -1.67 7.48 -1.11
CA SER A 620 -2.49 6.43 -1.69
C SER A 620 -1.68 5.15 -1.92
N TYR A 621 -2.39 4.03 -1.84
CA TYR A 621 -1.83 2.76 -2.28
C TYR A 621 -1.29 2.86 -3.70
N SER A 622 -1.82 3.78 -4.49
CA SER A 622 -1.37 3.94 -5.87
C SER A 622 0.09 4.38 -5.97
N ASP A 623 0.71 4.76 -4.87
CA ASP A 623 2.15 5.02 -4.84
C ASP A 623 2.82 4.34 -3.66
N LEU A 624 2.16 3.33 -3.07
CA LEU A 624 2.81 2.47 -2.10
C LEU A 624 4.00 1.80 -2.75
N GLY A 625 5.20 2.17 -2.32
CA GLY A 625 6.41 1.76 -2.98
C GLY A 625 7.59 1.69 -2.03
N PRO A 626 8.20 0.51 -1.93
CA PRO A 626 9.09 0.23 -0.81
C PRO A 626 10.36 1.05 -0.88
N GLN A 627 10.80 1.36 -2.10
CA GLN A 627 11.91 2.27 -2.33
C GLN A 627 11.62 3.66 -1.79
N ASP A 628 10.38 3.93 -1.42
CA ASP A 628 9.97 5.18 -0.80
C ASP A 628 9.58 5.01 0.67
N LYS A 629 8.87 3.94 1.01
CA LYS A 629 8.36 3.75 2.37
C LYS A 629 9.45 3.52 3.39
N LEU A 630 10.40 2.64 3.08
CA LEU A 630 11.33 2.14 4.09
C LEU A 630 12.03 3.21 4.91
N LYS A 631 12.08 2.94 6.21
CA LYS A 631 12.75 3.73 7.23
C LYS A 631 14.12 3.10 7.45
N GLN A 632 15.17 3.90 7.50
CA GLN A 632 16.53 3.38 7.41
C GLN A 632 17.49 4.17 8.30
N PRO A 633 17.74 3.69 9.52
CA PRO A 633 18.90 4.17 10.29
C PRO A 633 20.22 3.61 9.75
N LEU A 634 21.19 4.50 9.57
CA LEU A 634 22.54 4.20 9.09
C LEU A 634 23.32 5.49 9.28
N THR A 635 24.64 5.44 9.02
CA THR A 635 25.20 6.73 8.62
C THR A 635 26.13 6.77 7.41
N TRP A 636 27.44 6.91 7.61
CA TRP A 636 28.21 7.38 6.46
C TRP A 636 28.73 6.25 5.59
N GLU A 637 29.43 5.31 6.22
CA GLU A 637 30.05 4.21 5.48
C GLU A 637 29.00 3.36 4.80
N GLN A 638 27.87 3.12 5.47
CA GLN A 638 26.81 2.32 4.89
C GLN A 638 26.16 3.02 3.71
N TRP A 639 25.97 4.34 3.80
CA TRP A 639 25.40 5.04 2.66
C TRP A 639 26.37 5.09 1.49
N LYS A 640 27.60 5.53 1.74
CA LYS A 640 28.53 5.74 0.65
C LYS A 640 28.97 4.45 -0.02
N GLU A 641 29.06 3.35 0.75
CA GLU A 641 29.22 2.04 0.12
C GLU A 641 27.97 1.60 -0.61
N SER A 642 26.79 1.93 -0.08
CA SER A 642 25.58 1.35 -0.64
C SER A 642 25.40 1.76 -2.09
N VAL A 643 25.59 3.05 -2.39
CA VAL A 643 25.28 3.60 -3.70
C VAL A 643 26.58 3.86 -4.47
N THR A 644 26.63 3.33 -5.68
CA THR A 644 27.73 3.58 -6.60
C THR A 644 27.77 5.05 -6.99
N TYR A 645 28.96 5.53 -7.36
CA TYR A 645 29.26 6.95 -7.42
C TYR A 645 28.47 7.69 -8.46
N GLU A 646 27.52 7.03 -9.13
CA GLU A 646 26.66 7.70 -10.09
C GLU A 646 25.24 7.13 -10.10
N GLU A 647 24.91 6.26 -9.15
CA GLU A 647 23.52 5.93 -8.86
C GLU A 647 22.97 7.14 -8.12
N LEU A 648 23.11 8.28 -8.77
CA LEU A 648 23.14 9.59 -8.16
C LEU A 648 21.79 10.30 -8.15
N THR A 649 21.54 10.98 -7.03
CA THR A 649 20.66 12.13 -7.01
C THR A 649 21.53 13.32 -6.60
N PRO A 650 21.55 14.40 -7.39
CA PRO A 650 22.73 15.28 -7.41
C PRO A 650 23.37 15.60 -6.07
N LYS A 651 22.60 16.08 -5.10
CA LYS A 651 23.19 16.44 -3.81
C LYS A 651 23.93 15.28 -3.16
N TYR A 652 23.48 14.05 -3.40
CA TYR A 652 24.18 12.87 -2.87
C TYR A 652 25.64 12.81 -3.27
N LYS A 653 26.01 13.40 -4.40
CA LYS A 653 27.44 13.48 -4.77
C LYS A 653 28.26 14.19 -3.69
N GLU A 654 27.71 15.26 -3.11
CA GLU A 654 28.32 15.88 -1.95
C GLU A 654 28.39 14.94 -0.77
N LEU A 655 27.41 14.06 -0.61
CA LEU A 655 27.50 13.05 0.42
C LEU A 655 28.64 12.08 0.17
N TYR A 656 29.02 11.85 -1.09
CA TYR A 656 30.32 11.21 -1.33
C TYR A 656 31.46 12.10 -0.89
N ASN A 657 31.36 13.40 -1.14
CA ASN A 657 32.48 14.29 -0.84
C ASN A 657 32.66 14.51 0.66
N SER A 658 31.59 14.70 1.42
CA SER A 658 31.73 15.13 2.81
C SER A 658 30.92 14.26 3.74
N GLU A 659 31.58 13.77 4.80
CA GLU A 659 30.89 13.12 5.90
C GLU A 659 30.12 14.09 6.79
N VAL A 660 30.62 15.32 6.93
CA VAL A 660 29.99 16.30 7.81
C VAL A 660 28.56 16.63 7.35
N LEU A 661 28.40 16.95 6.07
CA LEU A 661 27.07 17.29 5.59
C LEU A 661 26.14 16.09 5.65
N TYR A 662 26.65 14.89 5.39
CA TYR A 662 25.83 13.71 5.57
C TYR A 662 25.37 13.60 7.01
N ASN A 663 26.27 13.84 7.96
CA ASN A 663 25.90 13.71 9.36
C ASN A 663 24.88 14.76 9.76
N LYS A 664 24.99 15.96 9.21
CA LYS A 664 23.96 16.95 9.47
C LYS A 664 22.63 16.54 8.86
N LYS A 665 22.63 16.28 7.57
CA LYS A 665 21.39 16.16 6.81
C LYS A 665 20.71 14.83 7.09
N ASP A 666 21.40 13.73 6.84
CA ASP A 666 20.81 12.44 7.18
C ASP A 666 20.84 12.15 8.67
N GLY A 667 21.92 12.45 9.39
CA GLY A 667 21.95 12.09 10.79
C GLY A 667 20.89 12.81 11.61
N ALA A 668 20.71 14.11 11.38
CA ALA A 668 19.60 14.77 12.07
C ALA A 668 18.26 14.33 11.49
N SER A 669 18.14 14.31 10.16
CA SER A 669 16.91 13.78 9.59
C SER A 669 16.71 12.32 9.96
N LEU A 670 17.79 11.62 10.30
CA LEU A 670 17.80 10.16 10.24
C LEU A 670 16.61 9.59 11.01
N GLY A 671 16.34 10.13 12.18
CA GLY A 671 15.13 9.84 12.94
C GLY A 671 14.71 8.39 12.82
N VAL A 672 13.54 8.16 12.22
CA VAL A 672 13.27 6.86 11.60
C VAL A 672 12.78 7.14 10.19
N VAL A 673 13.49 8.04 9.50
CA VAL A 673 12.93 8.77 8.36
C VAL A 673 12.74 7.86 7.16
N SER A 674 11.60 8.01 6.48
CA SER A 674 11.39 7.38 5.19
C SER A 674 11.97 8.24 4.05
N ASP A 675 12.55 7.55 3.05
CA ASP A 675 13.19 8.23 1.94
C ASP A 675 12.23 9.15 1.17
N ARG A 676 10.95 8.80 1.10
CA ARG A 676 9.99 9.72 0.50
C ARG A 676 9.98 11.04 1.25
N LEU A 677 10.00 10.96 2.57
CA LEU A 677 9.99 12.17 3.39
C LEU A 677 11.31 12.91 3.27
N LYS A 678 12.41 12.18 3.06
CA LYS A 678 13.70 12.80 2.79
C LYS A 678 13.70 13.62 1.50
N ALA A 679 13.08 13.10 0.44
CA ALA A 679 12.89 13.90 -0.77
C ALA A 679 11.91 15.05 -0.57
N LEU A 680 10.80 14.78 0.10
CA LEU A 680 9.80 15.81 0.36
C LEU A 680 10.33 16.95 1.23
N LYS A 681 11.23 16.67 2.17
CA LYS A 681 11.85 17.77 2.92
C LYS A 681 12.59 18.73 1.99
N ASP A 682 13.28 18.21 0.99
CA ASP A 682 13.93 19.07 0.01
C ASP A 682 12.89 19.84 -0.80
N VAL A 683 11.79 19.17 -1.15
CA VAL A 683 10.74 19.83 -1.90
C VAL A 683 10.12 20.98 -1.10
N ILE A 684 9.78 20.71 0.16
CA ILE A 684 9.07 21.70 0.97
C ILE A 684 9.99 22.85 1.34
N ASN A 685 11.23 22.55 1.76
CA ASN A 685 12.16 23.62 2.07
C ASN A 685 12.50 24.47 0.86
N THR A 686 12.53 23.88 -0.33
CA THR A 686 12.63 24.70 -1.53
C THR A 686 11.38 25.55 -1.72
N SER A 687 10.21 24.93 -1.62
CA SER A 687 8.96 25.61 -1.95
C SER A 687 8.68 26.79 -1.02
N LEU A 688 9.07 26.68 0.25
CA LEU A 688 8.96 27.77 1.20
C LEU A 688 10.06 28.80 1.04
N GLY A 689 10.91 28.69 0.03
CA GLY A 689 11.76 29.80 -0.34
C GLY A 689 12.81 30.15 0.69
N ARG A 690 12.96 29.33 1.73
CA ARG A 690 14.04 29.50 2.68
C ARG A 690 15.35 29.00 2.06
N THR A 691 16.46 29.33 2.71
CA THR A 691 17.77 29.19 2.09
C THR A 691 18.77 28.78 3.16
N ASP A 692 19.97 28.42 2.71
CA ASP A 692 21.12 28.30 3.58
C ASP A 692 20.83 27.33 4.74
N GLY A 693 20.23 26.19 4.41
CA GLY A 693 19.87 25.23 5.43
C GLY A 693 18.70 25.62 6.29
N LEU A 694 18.22 26.85 6.17
CA LEU A 694 16.97 27.24 6.80
C LEU A 694 15.80 26.47 6.21
N GLU A 695 14.87 26.12 7.08
CA GLU A 695 14.00 24.96 6.93
C GLU A 695 12.87 25.13 7.92
N MET A 696 11.89 24.23 7.85
CA MET A 696 11.04 24.01 9.01
C MET A 696 10.76 22.54 9.29
N VAL A 697 11.41 21.61 8.58
CA VAL A 697 11.12 20.19 8.76
C VAL A 697 12.42 19.40 8.92
N HIS A 698 13.48 20.10 9.32
CA HIS A 698 14.74 19.46 9.65
C HIS A 698 14.59 18.27 10.58
N HIS A 699 13.60 18.29 11.47
CA HIS A 699 13.44 17.19 12.41
C HIS A 699 13.18 15.85 11.74
N GLY A 700 12.80 15.85 10.46
CA GLY A 700 12.46 14.60 9.79
C GLY A 700 11.07 14.10 10.11
N ALA A 701 10.59 14.42 11.31
CA ALA A 701 9.15 14.56 11.58
C ALA A 701 8.30 13.36 11.16
N ASP A 702 8.35 12.31 11.96
CA ASP A 702 7.63 11.05 11.72
C ASP A 702 6.47 10.87 12.67
N ASP A 703 6.68 11.19 13.94
CA ASP A 703 5.91 10.65 15.07
C ASP A 703 5.80 9.12 15.01
N ALA A 704 6.80 8.49 14.43
CA ALA A 704 7.10 7.08 14.69
C ALA A 704 8.13 6.90 15.80
N ASN A 705 8.91 7.94 16.11
CA ASN A 705 9.90 7.86 17.16
C ASN A 705 9.28 7.53 18.52
N PRO A 706 10.09 6.99 19.45
CA PRO A 706 9.54 6.46 20.69
C PRO A 706 8.95 7.52 21.61
N TYR A 707 9.24 8.80 21.37
CA TYR A 707 8.90 9.88 22.29
C TYR A 707 7.80 10.76 21.70
N ALA A 708 6.96 10.17 20.86
CA ALA A 708 5.82 10.83 20.25
C ALA A 708 4.77 11.06 21.33
N VAL A 709 5.14 11.83 22.36
CA VAL A 709 4.22 12.12 23.45
C VAL A 709 2.99 12.84 22.91
N MET A 710 1.83 12.39 23.37
CA MET A 710 0.59 12.62 22.64
C MET A 710 0.09 14.05 22.80
N ALA A 711 0.00 14.55 24.03
CA ALA A 711 -0.68 15.81 24.24
C ALA A 711 0.05 16.98 23.60
N ASP A 712 1.34 16.83 23.26
CA ASP A 712 2.01 17.86 22.48
C ASP A 712 1.39 18.04 21.11
N ASN A 713 0.68 17.03 20.61
CA ASN A 713 0.21 17.02 19.23
C ASN A 713 -0.98 17.94 18.98
N PHE A 714 -1.54 18.56 20.01
CA PHE A 714 -2.88 19.10 19.91
C PHE A 714 -2.95 20.56 20.35
N PRO A 715 -3.84 21.35 19.73
CA PRO A 715 -4.63 20.92 18.57
C PRO A 715 -3.79 20.83 17.29
N ALA A 716 -4.07 19.81 16.48
CA ALA A 716 -3.27 19.49 15.31
C ALA A 716 -3.85 20.19 14.09
N THR A 717 -3.18 20.02 12.95
CA THR A 717 -3.61 20.62 11.69
C THR A 717 -3.26 19.68 10.55
N PHE A 718 -3.99 19.82 9.45
CA PHE A 718 -3.62 19.13 8.23
C PHE A 718 -3.82 20.02 7.02
N PHE A 719 -3.16 19.60 5.95
CA PHE A 719 -3.52 19.90 4.58
C PHE A 719 -3.95 18.61 3.90
N VAL A 720 -5.00 18.69 3.09
CA VAL A 720 -5.52 17.53 2.37
C VAL A 720 -5.83 17.91 0.94
N PRO A 721 -5.88 16.93 0.05
CA PRO A 721 -6.18 17.22 -1.36
C PRO A 721 -7.54 17.88 -1.53
N LYS A 722 -7.60 18.82 -2.48
CA LYS A 722 -8.86 19.49 -2.79
C LYS A 722 -9.94 18.47 -3.13
N SER A 723 -9.60 17.47 -3.94
CA SER A 723 -10.56 16.44 -4.27
C SER A 723 -11.05 15.71 -3.02
N PHE A 724 -10.32 15.84 -1.90
CA PHE A 724 -10.51 14.92 -0.78
C PHE A 724 -11.88 15.08 -0.15
N PHE A 725 -12.40 16.31 -0.11
CA PHE A 725 -13.43 16.69 0.85
C PHE A 725 -14.82 16.73 0.22
N MET A 726 -14.96 16.17 -0.98
CA MET A 726 -16.17 16.18 -1.78
C MET A 726 -16.46 14.77 -2.28
N GLU A 727 -15.96 13.76 -1.56
CA GLU A 727 -15.75 12.40 -2.05
C GLU A 727 -16.95 11.49 -1.86
N ASP A 728 -17.68 11.59 -0.76
CA ASP A 728 -18.89 10.80 -0.61
C ASP A 728 -19.69 11.36 0.56
N GLY A 729 -20.77 10.66 0.91
CA GLY A 729 -21.63 11.12 1.98
C GLY A 729 -20.95 11.00 3.33
N LEU A 730 -21.32 11.89 4.25
CA LEU A 730 -20.89 11.75 5.62
C LEU A 730 -21.35 10.39 6.17
N GLY A 731 -20.88 10.07 7.38
CA GLY A 731 -21.25 8.84 8.04
C GLY A 731 -20.65 7.67 7.28
N GLU A 732 -19.32 7.56 7.34
CA GLU A 732 -18.64 6.56 6.52
C GLU A 732 -19.01 5.15 6.93
N GLY A 733 -19.10 4.91 8.23
CA GLY A 733 -19.31 3.59 8.78
C GLY A 733 -19.48 3.72 10.27
N LYS A 734 -18.99 2.76 11.05
CA LYS A 734 -19.02 2.93 12.49
C LYS A 734 -18.28 4.19 12.91
N GLY A 735 -17.18 4.49 12.23
CA GLY A 735 -16.69 5.85 12.20
C GLY A 735 -17.65 6.74 11.45
N SER A 736 -18.32 7.63 12.17
CA SER A 736 -19.45 8.37 11.63
C SER A 736 -19.25 9.85 11.89
N ILE A 737 -19.90 10.67 11.07
CA ILE A 737 -19.74 12.12 11.14
C ILE A 737 -20.98 12.76 10.53
N GLN A 738 -21.31 13.94 11.04
CA GLN A 738 -22.43 14.71 10.56
C GLN A 738 -22.03 16.17 10.30
N THR A 739 -20.87 16.61 10.79
CA THR A 739 -20.49 18.01 10.69
C THR A 739 -19.09 18.18 10.13
N TYR A 740 -18.62 17.21 9.35
CA TYR A 740 -17.60 17.48 8.34
C TYR A 740 -16.26 17.89 8.95
N PHE A 741 -16.06 17.61 10.24
CA PHE A 741 -14.86 17.94 11.01
C PHE A 741 -14.60 19.43 11.23
N ASN A 742 -13.56 19.71 12.01
CA ASN A 742 -13.10 21.07 12.29
C ASN A 742 -12.44 21.64 11.04
N VAL A 743 -13.25 21.96 10.04
CA VAL A 743 -12.74 22.61 8.84
C VAL A 743 -12.22 24.00 9.16
N ASN A 744 -11.23 24.44 8.38
CA ASN A 744 -10.72 25.80 8.46
C ASN A 744 -10.68 26.38 7.06
N GLU A 745 -10.67 27.71 7.00
CA GLU A 745 -10.49 28.44 5.76
C GLU A 745 -9.06 28.28 5.27
N GLN A 746 -8.77 28.92 4.14
CA GLN A 746 -7.48 28.79 3.46
C GLN A 746 -7.15 27.33 3.16
N GLY A 747 -8.20 26.53 2.95
CA GLY A 747 -8.10 25.11 2.69
C GLY A 747 -7.56 24.25 3.82
N ALA A 748 -7.26 24.83 4.97
CA ALA A 748 -6.61 24.05 6.01
C ALA A 748 -7.65 23.28 6.81
N VAL A 749 -7.19 22.28 7.57
CA VAL A 749 -8.05 21.61 8.53
C VAL A 749 -7.35 21.61 9.89
N VAL A 750 -8.15 21.45 10.93
CA VAL A 750 -7.66 21.37 12.30
C VAL A 750 -8.30 20.16 12.96
N ILE A 751 -7.70 19.73 14.07
CA ILE A 751 -8.27 18.67 14.90
C ILE A 751 -7.94 18.98 16.35
N ARG A 752 -8.90 18.71 17.24
CA ARG A 752 -8.71 18.97 18.65
C ARG A 752 -8.10 17.81 19.42
N ASP A 753 -8.41 16.58 19.05
CA ASP A 753 -8.38 15.47 20.00
C ASP A 753 -8.05 14.17 19.29
N PRO A 754 -7.44 13.21 19.99
CA PRO A 754 -7.15 11.91 19.36
C PRO A 754 -8.34 11.20 18.75
N GLN A 755 -9.53 11.32 19.33
CA GLN A 755 -10.70 10.68 18.73
C GLN A 755 -11.07 11.32 17.41
N GLU A 756 -10.96 12.64 17.32
CA GLU A 756 -11.18 13.32 16.05
C GLU A 756 -10.08 12.95 15.05
N PHE A 757 -8.84 12.90 15.51
CA PHE A 757 -7.73 12.53 14.63
C PHE A 757 -7.92 11.11 14.09
N SER A 758 -8.26 10.19 14.98
CA SER A 758 -8.44 8.80 14.59
C SER A 758 -9.61 8.60 13.63
N ASN A 759 -10.71 9.30 13.86
CA ASN A 759 -11.79 9.31 12.86
C ASN A 759 -11.35 9.91 11.53
N PHE A 760 -10.61 11.01 11.56
CA PHE A 760 -10.14 11.63 10.31
C PHE A 760 -9.23 10.71 9.52
N GLN A 761 -8.32 10.02 10.20
CA GLN A 761 -7.53 8.96 9.57
C GLN A 761 -8.41 7.84 9.04
N GLN A 762 -9.37 7.38 9.84
CA GLN A 762 -10.22 6.28 9.42
C GLN A 762 -10.99 6.62 8.16
N VAL A 763 -11.38 7.89 8.00
CA VAL A 763 -11.94 8.34 6.72
C VAL A 763 -10.90 8.39 5.63
N ALA A 764 -9.71 8.91 5.92
CA ALA A 764 -8.72 9.05 4.86
C ALA A 764 -8.36 7.70 4.25
N ILE A 765 -8.19 6.69 5.09
CA ILE A 765 -7.95 5.35 4.59
C ILE A 765 -9.12 4.85 3.76
N ASN A 766 -10.33 5.29 4.09
CA ASN A 766 -11.48 5.02 3.23
C ASN A 766 -11.44 5.85 1.95
N VAL A 767 -10.49 6.77 1.84
CA VAL A 767 -10.15 7.32 0.53
C VAL A 767 -8.93 6.57 0.03
N SER A 768 -8.75 5.33 0.51
CA SER A 768 -7.64 4.46 0.16
C SER A 768 -6.27 5.07 0.46
N TYR A 769 -6.17 5.95 1.46
CA TYR A 769 -4.87 6.31 1.98
C TYR A 769 -4.39 5.31 3.01
N ARG A 770 -3.10 5.37 3.30
CA ARG A 770 -2.46 4.48 4.26
C ARG A 770 -1.96 5.26 5.47
N ALA A 771 -2.38 4.84 6.66
CA ALA A 771 -2.07 5.55 7.89
C ALA A 771 -0.77 5.06 8.51
N SER A 772 0.17 5.98 8.72
CA SER A 772 1.29 5.77 9.62
C SER A 772 0.83 5.73 11.07
N LEU A 773 1.43 4.84 11.86
CA LEU A 773 1.01 4.64 13.25
C LEU A 773 2.20 4.42 14.17
N ASN A 774 1.92 4.58 15.47
CA ASN A 774 2.91 4.48 16.53
C ASN A 774 2.18 4.22 17.83
N ASP A 775 2.63 3.18 18.56
CA ASP A 775 2.00 2.77 19.80
C ASP A 775 1.94 3.87 20.85
N LYS A 776 2.93 4.76 20.88
CA LYS A 776 2.99 5.77 21.93
C LYS A 776 1.75 6.66 21.98
N TRP A 777 1.11 6.92 20.84
CA TRP A 777 -0.15 7.66 20.90
C TRP A 777 -1.18 6.92 21.75
N ASN A 778 -1.27 5.60 21.61
CA ASN A 778 -2.20 4.85 22.45
C ASN A 778 -1.70 4.78 23.89
N VAL A 779 -0.40 4.53 24.06
CA VAL A 779 0.19 4.43 25.39
C VAL A 779 0.06 5.74 26.15
N GLY A 780 0.10 6.87 25.43
CA GLY A 780 -0.18 8.15 26.05
C GLY A 780 -1.54 8.18 26.71
N LEU A 781 -2.49 7.42 26.18
CA LEU A 781 -3.90 7.65 26.42
C LEU A 781 -4.62 6.46 27.05
N ASP A 782 -4.06 5.25 26.94
CA ASP A 782 -4.53 4.11 27.71
C ASP A 782 -6.00 3.79 27.45
N ASP A 783 -6.42 3.94 26.20
CA ASP A 783 -7.57 3.22 25.67
C ASP A 783 -7.22 2.68 24.29
N PRO A 784 -7.74 1.51 23.92
CA PRO A 784 -7.33 0.90 22.65
C PRO A 784 -7.84 1.68 21.45
N LEU A 785 -6.92 2.31 20.72
CA LEU A 785 -7.30 3.38 19.82
C LEU A 785 -6.49 3.46 18.52
N PHE A 786 -5.29 2.89 18.46
CA PHE A 786 -4.43 3.02 17.30
C PHE A 786 -3.82 1.71 16.78
N THR A 787 -4.27 0.56 17.25
CA THR A 787 -3.89 -0.66 16.55
C THR A 787 -4.46 -0.62 15.14
N PRO A 788 -3.63 -0.70 14.09
CA PRO A 788 -4.16 -0.84 12.73
C PRO A 788 -4.82 -2.19 12.54
N LYS A 789 -4.10 -3.22 12.95
CA LYS A 789 -4.49 -4.60 12.68
C LYS A 789 -5.94 -4.83 13.08
N SER A 790 -6.30 -4.38 14.29
CA SER A 790 -7.68 -4.40 14.75
C SER A 790 -8.40 -3.11 14.36
N LYS A 791 -8.02 -2.00 14.99
CA LYS A 791 -8.91 -0.83 15.06
C LYS A 791 -8.87 0.00 13.79
N LEU A 792 -7.70 0.47 13.37
CA LEU A 792 -7.67 1.42 12.28
C LEU A 792 -7.79 0.77 10.90
N SER A 793 -8.49 -0.35 10.82
CA SER A 793 -8.71 -0.99 9.52
C SER A 793 -9.81 -0.27 8.75
N HIS A 794 -9.62 -0.16 7.44
CA HIS A 794 -10.58 0.51 6.58
C HIS A 794 -11.69 -0.43 6.14
N ASP A 795 -12.87 0.15 5.88
CA ASP A 795 -14.14 -0.55 5.70
C ASP A 795 -14.25 -1.33 4.38
N PHE A 796 -13.23 -1.36 3.54
CA PHE A 796 -13.18 -2.37 2.50
C PHE A 796 -13.01 -3.77 3.08
N LEU A 797 -12.34 -3.90 4.21
CA LEU A 797 -12.43 -5.17 4.94
C LEU A 797 -13.79 -5.36 5.61
N ASN A 798 -14.51 -4.31 5.96
CA ASN A 798 -15.92 -4.55 6.23
C ASN A 798 -16.60 -5.14 4.99
N ALA A 799 -16.23 -4.67 3.80
CA ALA A 799 -16.68 -5.33 2.59
C ALA A 799 -16.22 -6.79 2.46
N LYS A 800 -15.01 -7.14 2.91
CA LYS A 800 -14.70 -8.58 2.99
C LYS A 800 -15.61 -9.29 3.98
N GLU A 801 -16.07 -8.60 5.02
CA GLU A 801 -17.08 -9.20 5.89
C GLU A 801 -18.36 -9.48 5.12
N GLU A 802 -18.66 -8.64 4.14
CA GLU A 802 -19.77 -8.95 3.24
C GLU A 802 -19.42 -10.10 2.28
N VAL A 803 -18.14 -10.22 1.94
CA VAL A 803 -17.67 -11.34 1.12
C VAL A 803 -17.85 -12.66 1.88
N ILE A 804 -17.45 -12.68 3.15
CA ILE A 804 -17.72 -13.85 3.99
C ILE A 804 -19.22 -14.04 4.18
N LYS A 805 -20.02 -12.98 4.19
CA LYS A 805 -21.47 -13.22 4.20
C LYS A 805 -21.88 -13.98 2.95
N LYS A 806 -21.35 -13.59 1.79
CA LYS A 806 -21.63 -14.34 0.57
C LYS A 806 -21.20 -15.79 0.73
N LEU A 807 -19.98 -16.01 1.21
CA LEU A 807 -19.55 -17.38 1.48
C LEU A 807 -20.44 -18.06 2.52
N SER A 808 -21.00 -17.32 3.46
CA SER A 808 -21.93 -17.91 4.42
C SER A 808 -23.15 -18.42 3.68
N GLY A 809 -23.51 -17.72 2.60
CA GLY A 809 -24.47 -18.30 1.67
C GLY A 809 -23.90 -19.53 1.02
N GLU A 810 -22.59 -19.52 0.75
CA GLU A 810 -21.89 -20.73 0.33
C GLU A 810 -21.69 -21.68 1.51
N VAL A 811 -21.49 -21.13 2.70
CA VAL A 811 -20.92 -21.84 3.84
C VAL A 811 -21.99 -22.02 4.91
N ASP B 1 -3.44 -16.54 16.90
CA ASP B 1 -3.30 -18.03 16.84
C ASP B 1 -2.09 -18.39 16.00
N ILE B 2 -2.14 -17.99 14.74
CA ILE B 2 -0.93 -17.75 13.95
C ILE B 2 -1.26 -16.77 12.85
N ALA B 3 -0.50 -15.68 12.77
CA ALA B 3 -0.52 -14.85 11.57
C ALA B 3 0.22 -15.60 10.49
N ALA B 4 -0.52 -16.20 9.56
CA ALA B 4 0.12 -16.79 8.40
C ALA B 4 0.75 -15.69 7.55
N LEU B 5 1.89 -16.00 6.96
CA LEU B 5 2.55 -15.05 6.09
C LEU B 5 1.89 -15.03 4.71
N VAL B 6 1.78 -13.83 4.16
CA VAL B 6 1.27 -13.59 2.82
C VAL B 6 2.44 -13.22 1.94
N VAL B 7 2.60 -13.94 0.84
CA VAL B 7 3.77 -13.79 -0.02
C VAL B 7 3.31 -13.82 -1.48
N ASP B 8 3.07 -12.63 -2.02
CA ASP B 8 2.71 -12.48 -3.43
C ASP B 8 3.95 -12.59 -4.31
N ASN B 9 3.70 -12.87 -5.60
CA ASN B 9 4.74 -12.99 -6.60
C ASN B 9 4.31 -12.19 -7.82
N GLY B 10 5.29 -11.71 -8.58
CA GLY B 10 4.98 -10.90 -9.74
C GLY B 10 6.17 -10.77 -10.65
N SER B 11 5.86 -10.41 -11.90
CA SER B 11 6.91 -10.29 -12.91
C SER B 11 7.93 -9.23 -12.54
N GLY B 12 7.51 -8.15 -11.88
CA GLY B 12 8.45 -7.10 -11.54
C GLY B 12 8.66 -6.89 -10.06
N MET B 13 7.60 -7.01 -9.27
CA MET B 13 7.66 -6.69 -7.85
C MET B 13 7.13 -7.84 -7.02
N CYS B 14 7.44 -7.79 -5.73
CA CYS B 14 6.92 -8.69 -4.72
C CYS B 14 6.33 -7.89 -3.56
N LYS B 15 5.33 -8.51 -2.93
CA LYS B 15 4.62 -7.95 -1.80
C LYS B 15 4.46 -9.04 -0.75
N ALA B 16 4.75 -8.71 0.49
CA ALA B 16 4.83 -9.68 1.57
C ALA B 16 4.38 -9.03 2.87
N GLY B 17 3.88 -9.86 3.78
CA GLY B 17 3.45 -9.36 5.07
C GLY B 17 2.69 -10.42 5.86
N PHE B 18 1.93 -9.96 6.84
CA PHE B 18 1.15 -10.86 7.69
C PHE B 18 -0.30 -10.90 7.27
N ALA B 19 -0.87 -12.10 7.26
CA ALA B 19 -2.28 -12.26 6.94
C ALA B 19 -3.15 -11.60 8.00
N GLY B 20 -4.33 -11.14 7.58
CA GLY B 20 -5.22 -10.46 8.49
C GLY B 20 -5.00 -8.97 8.59
N ASP B 21 -4.42 -8.35 7.56
CA ASP B 21 -4.07 -6.94 7.62
C ASP B 21 -4.29 -6.26 6.29
N ASP B 22 -4.34 -4.93 6.34
CA ASP B 22 -4.92 -4.12 5.27
C ASP B 22 -3.98 -3.88 4.11
N ALA B 23 -2.68 -3.95 4.33
CA ALA B 23 -1.70 -3.65 3.29
C ALA B 23 -0.44 -4.43 3.59
N PRO B 24 0.39 -4.70 2.59
CA PRO B 24 1.64 -5.43 2.86
C PRO B 24 2.53 -4.69 3.83
N ARG B 25 3.10 -5.46 4.76
CA ARG B 25 4.16 -4.96 5.62
C ARG B 25 5.38 -4.54 4.82
N ALA B 26 5.72 -5.30 3.79
CA ALA B 26 6.99 -5.16 3.08
C ALA B 26 6.82 -5.44 1.60
N VAL B 27 7.63 -4.76 0.79
CA VAL B 27 7.56 -4.88 -0.66
C VAL B 27 8.99 -4.72 -1.18
N PHE B 28 9.29 -5.37 -2.30
CA PHE B 28 10.59 -5.16 -2.92
C PHE B 28 10.56 -5.67 -4.35
N PRO B 29 11.45 -5.17 -5.21
CA PRO B 29 11.74 -5.85 -6.48
C PRO B 29 12.43 -7.19 -6.24
N SER B 30 11.89 -8.24 -6.85
CA SER B 30 12.25 -9.61 -6.48
C SER B 30 13.58 -10.04 -7.06
N ILE B 31 14.35 -9.11 -7.62
CA ILE B 31 15.56 -9.45 -8.34
C ILE B 31 16.68 -9.75 -7.34
N VAL B 32 17.71 -10.45 -7.81
CA VAL B 32 18.83 -10.86 -6.97
C VAL B 32 20.13 -10.39 -7.59
N GLY B 33 21.06 -9.98 -6.72
CA GLY B 33 22.30 -9.38 -7.17
C GLY B 33 23.51 -10.21 -6.83
N ARG B 34 23.98 -10.98 -7.80
CA ARG B 34 25.27 -11.66 -7.74
C ARG B 34 26.43 -10.71 -7.98
N PRO B 35 27.64 -11.11 -7.62
CA PRO B 35 28.82 -10.34 -8.02
C PRO B 35 29.06 -10.36 -9.52
N ARG B 36 30.13 -9.71 -9.95
CA ARG B 36 30.47 -9.61 -11.36
C ARG B 36 31.66 -10.47 -11.75
N HIS B 37 31.81 -11.62 -11.09
CA HIS B 37 33.02 -12.43 -11.25
C HIS B 37 32.64 -13.90 -11.19
N GLY B 45 34.50 -11.24 -3.21
CA GLY B 45 33.13 -11.63 -3.51
C GLY B 45 32.31 -11.95 -2.28
N GLN B 46 32.97 -11.99 -1.13
CA GLN B 46 32.30 -12.41 0.10
C GLN B 46 31.13 -11.51 0.43
N LYS B 47 31.29 -10.20 0.22
CA LYS B 47 30.44 -9.19 0.84
C LYS B 47 29.16 -8.95 0.08
N ASP B 48 28.77 -9.88 -0.78
CA ASP B 48 27.61 -9.69 -1.64
C ASP B 48 26.37 -9.40 -0.81
N SER B 49 25.51 -8.51 -1.31
CA SER B 49 24.16 -8.39 -0.80
C SER B 49 23.21 -8.79 -1.92
N TYR B 50 22.43 -9.83 -1.65
CA TYR B 50 21.65 -10.49 -2.69
C TYR B 50 20.39 -9.74 -3.11
N VAL B 51 19.71 -9.03 -2.21
CA VAL B 51 18.30 -8.76 -2.43
C VAL B 51 17.90 -7.31 -2.30
N GLY B 52 16.88 -6.96 -3.08
CA GLY B 52 15.99 -5.85 -2.77
C GLY B 52 16.62 -4.49 -2.95
N ASP B 53 16.25 -3.58 -2.05
CA ASP B 53 16.73 -2.21 -2.16
C ASP B 53 18.25 -2.17 -2.07
N GLU B 54 18.84 -3.11 -1.33
CA GLU B 54 20.30 -3.18 -1.28
C GLU B 54 20.88 -3.53 -2.64
N ALA B 55 20.25 -4.47 -3.34
CA ALA B 55 20.67 -4.80 -4.71
C ALA B 55 20.45 -3.66 -5.69
N GLN B 56 19.32 -2.95 -5.57
CA GLN B 56 19.15 -1.72 -6.35
C GLN B 56 20.27 -0.72 -6.07
N SER B 57 20.54 -0.46 -4.79
CA SER B 57 21.58 0.50 -4.43
C SER B 57 22.92 0.11 -5.01
N LYS B 58 23.33 -1.14 -4.82
CA LYS B 58 24.60 -1.64 -5.33
C LYS B 58 24.57 -1.97 -6.82
N ARG B 59 23.44 -1.70 -7.49
CA ARG B 59 23.22 -2.18 -8.85
C ARG B 59 24.33 -1.77 -9.82
N GLY B 60 24.96 -0.62 -9.59
CA GLY B 60 26.08 -0.21 -10.40
C GLY B 60 27.33 -1.07 -10.33
N ILE B 61 27.49 -1.89 -9.30
CA ILE B 61 28.60 -2.84 -9.24
C ILE B 61 28.17 -4.30 -9.17
N LEU B 62 26.92 -4.60 -9.47
CA LEU B 62 26.40 -5.96 -9.28
C LEU B 62 25.73 -6.44 -10.56
N THR B 63 25.49 -7.74 -10.58
CA THR B 63 24.83 -8.41 -11.69
C THR B 63 23.44 -8.83 -11.21
N LEU B 64 22.42 -8.34 -11.92
CA LEU B 64 21.03 -8.50 -11.58
C LEU B 64 20.40 -9.67 -12.30
N LYS B 65 19.47 -10.35 -11.62
CA LYS B 65 18.73 -11.42 -12.27
C LYS B 65 17.29 -11.41 -11.79
N TYR B 66 16.42 -11.88 -12.68
CA TYR B 66 15.00 -12.02 -12.45
C TYR B 66 14.59 -13.48 -12.45
N PRO B 67 13.97 -13.98 -11.40
CA PRO B 67 13.71 -15.42 -11.30
C PRO B 67 12.48 -15.78 -12.11
N ILE B 68 11.58 -14.81 -12.27
CA ILE B 68 10.31 -14.97 -12.96
C ILE B 68 10.30 -14.10 -14.22
N GLU B 69 9.81 -14.69 -15.30
CA GLU B 69 9.64 -13.97 -16.55
C GLU B 69 8.36 -14.44 -17.24
N GLY B 71 5.30 -14.05 -15.64
CA GLY B 71 4.73 -14.65 -14.44
C GLY B 71 5.27 -15.95 -13.86
N ILE B 72 6.03 -16.73 -14.61
CA ILE B 72 6.41 -18.07 -14.15
C ILE B 72 7.85 -18.08 -13.65
N VAL B 73 8.03 -18.75 -12.51
CA VAL B 73 9.36 -18.97 -11.92
C VAL B 73 10.27 -19.77 -12.83
N THR B 74 11.51 -19.33 -12.91
CA THR B 74 12.56 -20.00 -13.68
C THR B 74 13.67 -20.42 -12.72
N ASN B 75 14.63 -19.55 -12.44
CA ASN B 75 15.69 -19.88 -11.48
C ASN B 75 15.08 -20.02 -10.09
N TRP B 76 14.75 -21.27 -9.74
CA TRP B 76 14.31 -21.60 -8.40
C TRP B 76 15.38 -21.29 -7.35
N ASP B 77 16.64 -21.51 -7.73
CA ASP B 77 17.76 -21.39 -6.80
C ASP B 77 17.75 -20.07 -6.05
N ASP B 78 17.47 -18.96 -6.76
CA ASP B 78 17.48 -17.66 -6.14
C ASP B 78 16.09 -17.17 -5.76
N MET B 79 15.04 -17.82 -6.25
CA MET B 79 13.75 -17.65 -5.59
C MET B 79 13.87 -18.04 -4.13
N GLU B 80 14.60 -19.12 -3.84
CA GLU B 80 14.91 -19.46 -2.46
C GLU B 80 15.63 -18.34 -1.73
N LYS B 81 16.54 -17.64 -2.40
CA LYS B 81 17.20 -16.50 -1.78
C LYS B 81 16.21 -15.38 -1.50
N ILE B 82 15.28 -15.16 -2.41
CA ILE B 82 14.26 -14.13 -2.22
C ILE B 82 13.38 -14.49 -1.04
N TRP B 83 13.05 -15.77 -0.90
CA TRP B 83 12.31 -16.22 0.28
C TRP B 83 13.12 -16.02 1.55
N HIS B 84 14.41 -16.33 1.53
CA HIS B 84 15.23 -16.05 2.71
C HIS B 84 15.19 -14.59 3.10
N HIS B 85 15.30 -13.69 2.12
CA HIS B 85 15.26 -12.27 2.45
C HIS B 85 13.88 -11.83 2.93
N THR B 86 12.81 -12.39 2.37
CA THR B 86 11.47 -12.04 2.83
C THR B 86 11.26 -12.50 4.27
N PHE B 87 11.49 -13.78 4.53
CA PHE B 87 11.22 -14.36 5.84
C PHE B 87 12.12 -13.79 6.93
N TYR B 88 13.42 -13.67 6.65
CA TYR B 88 14.39 -13.37 7.70
C TYR B 88 14.76 -11.90 7.79
N ASN B 89 14.66 -11.15 6.69
CA ASN B 89 15.11 -9.76 6.67
C ASN B 89 13.97 -8.76 6.70
N GLU B 90 12.90 -8.98 5.95
CA GLU B 90 11.83 -8.00 5.90
C GLU B 90 10.78 -8.20 7.00
N LEU B 91 10.28 -9.42 7.16
CA LEU B 91 9.37 -9.67 8.28
C LEU B 91 10.08 -10.16 9.52
N ARG B 92 11.27 -10.75 9.37
CA ARG B 92 12.05 -11.25 10.50
C ARG B 92 11.22 -12.14 11.42
N VAL B 93 10.52 -13.11 10.82
CA VAL B 93 9.75 -14.08 11.59
C VAL B 93 10.01 -15.46 11.02
N ALA B 94 10.16 -16.43 11.91
CA ALA B 94 10.61 -17.78 11.55
C ALA B 94 9.56 -18.52 10.73
N PRO B 95 9.75 -18.70 9.42
CA PRO B 95 8.64 -19.16 8.58
C PRO B 95 8.31 -20.63 8.76
N GLU B 96 9.16 -21.39 9.46
CA GLU B 96 8.77 -22.73 9.89
C GLU B 96 7.69 -22.68 10.95
N GLU B 97 7.51 -21.52 11.58
CA GLU B 97 6.64 -21.38 12.73
C GLU B 97 5.23 -20.97 12.33
N HIS B 98 5.08 -20.41 11.13
CA HIS B 98 3.82 -19.89 10.62
C HIS B 98 3.46 -20.62 9.33
N PRO B 99 2.18 -20.94 9.14
CA PRO B 99 1.70 -21.28 7.80
C PRO B 99 1.93 -20.13 6.83
N VAL B 100 2.11 -20.48 5.56
CA VAL B 100 2.46 -19.51 4.52
C VAL B 100 1.47 -19.61 3.37
N LEU B 101 0.88 -18.47 3.01
CA LEU B 101 0.06 -18.35 1.82
C LEU B 101 0.96 -18.03 0.63
N LEU B 102 0.83 -18.81 -0.44
CA LEU B 102 1.57 -18.57 -1.68
C LEU B 102 0.65 -18.27 -2.84
N THR B 103 1.25 -17.61 -3.84
CA THR B 103 0.57 -17.15 -5.03
C THR B 103 1.31 -17.68 -6.25
N GLU B 104 0.56 -17.90 -7.33
CA GLU B 104 1.15 -18.47 -8.54
C GLU B 104 0.55 -17.78 -9.76
N ALA B 105 1.37 -17.66 -10.80
CA ALA B 105 0.87 -17.12 -12.05
C ALA B 105 -0.09 -18.11 -12.70
N PRO B 106 -1.00 -17.63 -13.55
CA PRO B 106 -1.86 -18.54 -14.30
C PRO B 106 -1.06 -19.52 -15.16
N LEU B 107 -1.57 -20.75 -15.24
CA LEU B 107 -0.98 -21.81 -16.05
C LEU B 107 0.41 -22.22 -15.61
N ASN B 108 0.78 -21.94 -14.37
CA ASN B 108 2.08 -22.37 -13.89
C ASN B 108 2.27 -23.88 -14.11
N PRO B 109 3.29 -24.29 -14.84
CA PRO B 109 3.54 -25.72 -15.06
C PRO B 109 3.48 -26.58 -13.80
N LYS B 110 2.98 -27.79 -13.99
CA LYS B 110 2.72 -28.74 -12.91
C LYS B 110 3.95 -28.94 -12.04
N ALA B 111 5.08 -29.24 -12.67
CA ALA B 111 6.29 -29.53 -11.91
C ALA B 111 6.72 -28.31 -11.12
N ASN B 112 6.40 -27.11 -11.62
CA ASN B 112 6.70 -25.90 -10.88
C ASN B 112 5.98 -25.91 -9.53
N ARG B 113 4.68 -26.17 -9.53
CA ARG B 113 3.93 -26.08 -8.29
C ARG B 113 4.37 -27.17 -7.34
N GLU B 114 4.85 -28.28 -7.90
CA GLU B 114 5.48 -29.30 -7.07
C GLU B 114 6.77 -28.80 -6.44
N LYS B 115 7.59 -28.08 -7.21
CA LYS B 115 8.83 -27.56 -6.66
C LYS B 115 8.60 -26.47 -5.61
N MET B 116 7.59 -25.61 -5.82
CA MET B 116 7.15 -24.70 -4.76
C MET B 116 6.84 -25.48 -3.50
N THR B 117 6.11 -26.58 -3.64
CA THR B 117 5.73 -27.35 -2.46
C THR B 117 6.96 -27.93 -1.78
N GLN B 118 7.85 -28.49 -2.60
CA GLN B 118 9.05 -29.10 -2.08
C GLN B 118 9.88 -28.10 -1.30
N ILE B 119 10.04 -26.89 -1.85
CA ILE B 119 10.87 -25.90 -1.18
C ILE B 119 10.24 -25.48 0.13
N MET B 120 8.93 -25.19 0.11
CA MET B 120 8.28 -24.72 1.34
C MET B 120 8.31 -25.77 2.44
N PHE B 121 8.12 -27.04 2.08
CA PHE B 121 8.00 -28.07 3.10
C PHE B 121 9.36 -28.62 3.54
N GLU B 122 10.30 -28.77 2.63
CA GLU B 122 11.58 -29.39 2.94
C GLU B 122 12.59 -28.39 3.45
N THR B 123 12.60 -27.18 2.89
CA THR B 123 13.57 -26.17 3.29
C THR B 123 13.11 -25.35 4.48
N PHE B 124 11.86 -24.87 4.49
CA PHE B 124 11.39 -24.02 5.57
C PHE B 124 10.46 -24.73 6.56
N ASN B 125 10.13 -26.00 6.33
CA ASN B 125 9.37 -26.78 7.31
C ASN B 125 8.11 -26.04 7.75
N THR B 126 7.50 -25.35 6.80
CA THR B 126 6.24 -24.66 7.06
C THR B 126 5.20 -25.65 7.60
N PRO B 127 4.47 -25.29 8.65
CA PRO B 127 3.39 -26.19 9.12
C PRO B 127 2.24 -26.30 8.15
N ALA B 128 2.03 -25.31 7.28
CA ALA B 128 0.93 -25.40 6.34
C ALA B 128 1.08 -24.32 5.27
N MET B 129 0.42 -24.55 4.13
CA MET B 129 0.38 -23.53 3.10
C MET B 129 -0.84 -23.70 2.19
N TYR B 130 -1.06 -22.68 1.38
CA TYR B 130 -2.06 -22.63 0.32
C TYR B 130 -1.46 -21.86 -0.84
N VAL B 131 -1.82 -22.24 -2.08
CA VAL B 131 -1.43 -21.47 -3.26
C VAL B 131 -2.68 -20.91 -3.92
N ALA B 132 -2.76 -19.58 -4.01
CA ALA B 132 -3.89 -18.87 -4.57
C ALA B 132 -3.49 -18.14 -5.85
N ILE B 133 -4.29 -18.30 -6.90
CA ILE B 133 -4.10 -17.55 -8.15
C ILE B 133 -4.39 -16.07 -7.89
N GLN B 134 -3.49 -15.22 -8.37
CA GLN B 134 -3.56 -13.79 -8.08
C GLN B 134 -4.91 -13.19 -8.46
N ALA B 135 -5.43 -13.55 -9.64
CA ALA B 135 -6.72 -13.01 -10.07
C ALA B 135 -7.85 -13.43 -9.15
N VAL B 136 -7.75 -14.62 -8.55
CA VAL B 136 -8.78 -15.04 -7.61
C VAL B 136 -8.76 -14.15 -6.38
N LEU B 137 -7.57 -13.81 -5.89
CA LEU B 137 -7.46 -12.85 -4.82
C LEU B 137 -8.02 -11.50 -5.23
N SER B 138 -7.80 -11.12 -6.49
CA SER B 138 -8.27 -9.80 -6.91
C SER B 138 -9.78 -9.75 -6.92
N LEU B 139 -10.44 -10.88 -7.24
CA LEU B 139 -11.89 -10.91 -7.18
C LEU B 139 -12.40 -11.03 -5.76
N TYR B 140 -11.66 -11.75 -4.91
CA TYR B 140 -11.94 -11.74 -3.47
C TYR B 140 -11.88 -10.33 -2.92
N ALA B 141 -11.01 -9.50 -3.48
CA ALA B 141 -10.65 -8.23 -2.88
C ALA B 141 -11.83 -7.27 -2.75
N SER B 142 -12.87 -7.43 -3.55
CA SER B 142 -13.97 -6.48 -3.48
C SER B 142 -15.29 -7.20 -3.78
N GLY B 143 -15.80 -7.90 -2.77
CA GLY B 143 -17.22 -8.19 -2.70
C GLY B 143 -17.69 -9.34 -3.56
N ARG B 144 -16.78 -10.09 -4.17
CA ARG B 144 -17.15 -10.91 -5.31
C ARG B 144 -16.55 -12.31 -5.22
N THR B 145 -17.32 -13.29 -5.69
CA THR B 145 -16.87 -14.67 -5.79
C THR B 145 -16.88 -15.17 -7.23
N THR B 146 -17.50 -14.42 -8.14
CA THR B 146 -17.71 -14.80 -9.52
C THR B 146 -17.61 -13.54 -10.37
N GLY B 147 -17.07 -13.66 -11.56
CA GLY B 147 -16.80 -12.48 -12.38
C GLY B 147 -15.64 -12.74 -13.31
N ILE B 148 -15.31 -11.71 -14.09
CA ILE B 148 -14.22 -11.79 -15.05
C ILE B 148 -13.15 -10.77 -14.66
N VAL B 149 -11.90 -11.25 -14.57
CA VAL B 149 -10.76 -10.41 -14.20
C VAL B 149 -9.93 -10.12 -15.43
N MET B 150 -9.58 -8.85 -15.63
CA MET B 150 -8.61 -8.46 -16.65
C MET B 150 -7.36 -8.04 -15.90
N ASP B 151 -6.38 -8.95 -15.82
CA ASP B 151 -5.17 -8.73 -15.03
C ASP B 151 -4.01 -8.41 -15.97
N SER B 152 -3.57 -7.15 -15.96
CA SER B 152 -2.41 -6.72 -16.73
C SER B 152 -1.35 -6.25 -15.76
N GLY B 153 -0.21 -6.94 -15.74
CA GLY B 153 0.87 -6.58 -14.85
C GLY B 153 2.09 -6.08 -15.61
N ASP B 154 3.25 -6.62 -15.26
CA ASP B 154 4.50 -6.28 -15.93
C ASP B 154 4.87 -7.29 -17.02
N GLY B 155 4.50 -8.55 -16.83
CA GLY B 155 4.86 -9.61 -17.74
C GLY B 155 3.73 -9.97 -18.69
N VAL B 156 2.63 -10.45 -18.12
CA VAL B 156 1.56 -11.09 -18.86
C VAL B 156 0.27 -10.31 -18.68
N THR B 157 -0.62 -10.46 -19.67
CA THR B 157 -1.98 -9.97 -19.57
C THR B 157 -2.90 -11.17 -19.68
N HIS B 158 -3.81 -11.30 -18.71
CA HIS B 158 -4.76 -12.41 -18.69
C HIS B 158 -6.18 -11.89 -18.61
N THR B 159 -7.09 -12.58 -19.31
CA THR B 159 -8.52 -12.42 -19.11
C THR B 159 -9.01 -13.72 -18.50
N VAL B 160 -9.61 -13.66 -17.32
CA VAL B 160 -9.85 -14.85 -16.53
C VAL B 160 -11.26 -14.85 -15.97
N PRO B 161 -12.19 -15.56 -16.60
CA PRO B 161 -13.52 -15.74 -16.01
C PRO B 161 -13.43 -16.72 -14.84
N ILE B 162 -14.17 -16.41 -13.77
CA ILE B 162 -14.11 -17.16 -12.53
C ILE B 162 -15.54 -17.40 -12.09
N TYR B 163 -15.84 -18.66 -11.76
CA TYR B 163 -17.16 -19.07 -11.30
C TYR B 163 -17.01 -19.61 -9.88
N GLU B 164 -17.75 -19.00 -8.95
CA GLU B 164 -17.77 -19.44 -7.56
C GLU B 164 -16.36 -19.52 -6.98
N GLY B 165 -15.49 -18.61 -7.42
CA GLY B 165 -14.12 -18.58 -6.98
C GLY B 165 -13.19 -19.55 -7.66
N TYR B 166 -13.52 -20.03 -8.86
CA TYR B 166 -12.66 -20.99 -9.54
C TYR B 166 -12.46 -20.56 -10.99
N ALA B 167 -11.25 -20.12 -11.30
CA ALA B 167 -10.88 -19.79 -12.67
C ALA B 167 -11.16 -20.98 -13.59
N LEU B 168 -11.56 -20.69 -14.82
CA LEU B 168 -11.87 -21.72 -15.81
C LEU B 168 -10.77 -21.81 -16.85
N PRO B 169 -9.75 -22.63 -16.64
CA PRO B 169 -8.57 -22.56 -17.51
C PRO B 169 -8.89 -22.76 -18.98
N HIS B 170 -9.91 -23.55 -19.31
CA HIS B 170 -10.20 -23.82 -20.71
C HIS B 170 -10.52 -22.54 -21.48
N ALA B 171 -11.04 -21.52 -20.79
CA ALA B 171 -11.45 -20.26 -21.39
C ALA B 171 -10.44 -19.15 -21.15
N ILE B 172 -9.29 -19.46 -20.57
CA ILE B 172 -8.26 -18.47 -20.30
C ILE B 172 -7.54 -18.07 -21.58
N LEU B 173 -7.33 -16.77 -21.76
CA LEU B 173 -6.60 -16.25 -22.89
C LEU B 173 -5.43 -15.42 -22.35
N ARG B 174 -4.29 -15.55 -23.01
CA ARG B 174 -3.06 -14.92 -22.56
C ARG B 174 -2.49 -14.02 -23.65
N LEU B 175 -1.97 -12.88 -23.23
CA LEU B 175 -1.43 -11.88 -24.13
C LEU B 175 -0.08 -11.43 -23.60
N ASP B 176 0.97 -11.76 -24.37
CA ASP B 176 2.36 -11.49 -24.01
C ASP B 176 2.72 -10.04 -24.34
N LEU B 177 2.03 -9.12 -23.68
CA LEU B 177 2.17 -7.70 -23.97
C LEU B 177 1.88 -6.93 -22.69
N ALA B 178 2.83 -6.12 -22.24
CA ALA B 178 2.64 -5.45 -20.96
C ALA B 178 3.53 -4.19 -20.90
N GLY B 179 3.76 -3.71 -19.68
CA GLY B 179 4.28 -2.37 -19.49
C GLY B 179 5.67 -2.13 -20.06
N ARG B 180 6.57 -3.11 -19.96
CA ARG B 180 7.93 -2.91 -20.43
C ARG B 180 8.02 -2.77 -21.95
N ASP B 181 7.16 -3.44 -22.69
CA ASP B 181 7.16 -3.25 -24.13
C ASP B 181 6.63 -1.85 -24.45
N LEU B 182 5.63 -1.40 -23.70
CA LEU B 182 5.13 -0.04 -23.85
C LEU B 182 6.21 0.97 -23.54
N THR B 183 6.99 0.70 -22.49
CA THR B 183 8.11 1.55 -22.14
C THR B 183 9.09 1.68 -23.30
N ASP B 184 9.51 0.54 -23.88
CA ASP B 184 10.39 0.61 -25.04
C ASP B 184 9.75 1.45 -26.14
N TYR B 185 8.45 1.26 -26.36
CA TYR B 185 7.76 1.96 -27.41
C TYR B 185 7.71 3.45 -27.15
N LEU B 186 7.42 3.83 -25.91
CA LEU B 186 7.35 5.23 -25.53
C LEU B 186 8.70 5.91 -25.66
N MET B 187 9.78 5.24 -25.25
CA MET B 187 11.11 5.79 -25.50
C MET B 187 11.30 6.05 -26.98
N LYS B 188 10.87 5.09 -27.80
CA LYS B 188 11.11 5.15 -29.23
C LYS B 188 10.35 6.30 -29.87
N ILE B 189 9.06 6.41 -29.57
CA ILE B 189 8.22 7.45 -30.16
C ILE B 189 8.42 8.80 -29.51
N LEU B 190 9.03 8.84 -28.32
CA LEU B 190 9.43 10.10 -27.73
C LEU B 190 10.65 10.66 -28.43
N THR B 191 11.58 9.79 -28.82
CA THR B 191 12.70 10.24 -29.63
C THR B 191 12.20 10.82 -30.96
N GLU B 192 11.22 10.16 -31.57
CA GLU B 192 10.65 10.61 -32.84
C GLU B 192 9.94 11.95 -32.72
N ARG B 193 9.66 12.40 -31.50
CA ARG B 193 9.08 13.74 -31.29
C ARG B 193 10.17 14.80 -31.25
N GLY B 194 11.43 14.40 -31.33
CA GLY B 194 12.57 15.30 -31.31
C GLY B 194 13.43 15.15 -30.09
N TYR B 195 13.09 14.25 -29.18
CA TYR B 195 13.81 14.03 -27.95
C TYR B 195 14.80 12.88 -28.15
N SER B 196 15.52 12.52 -27.08
CA SER B 196 16.52 11.45 -27.15
C SER B 196 16.47 10.68 -25.83
N PHE B 197 15.54 9.73 -25.75
CA PHE B 197 15.46 8.75 -24.67
C PHE B 197 16.04 7.42 -25.14
N THR B 198 17.19 7.02 -24.58
CA THR B 198 17.86 5.79 -25.01
C THR B 198 18.48 4.98 -23.89
N THR B 199 18.85 5.58 -22.77
CA THR B 199 19.53 4.86 -21.70
C THR B 199 18.55 4.17 -20.75
N THR B 200 19.11 3.36 -19.86
CA THR B 200 18.31 2.76 -18.79
C THR B 200 17.79 3.83 -17.84
N ALA B 201 18.63 4.82 -17.51
CA ALA B 201 18.13 5.95 -16.73
C ALA B 201 16.98 6.62 -17.47
N GLU B 202 17.15 6.79 -18.78
CA GLU B 202 16.10 7.39 -19.59
C GLU B 202 14.90 6.46 -19.63
N ARG B 203 15.13 5.15 -19.60
CA ARG B 203 14.01 4.22 -19.59
C ARG B 203 13.18 4.37 -18.34
N GLU B 204 13.84 4.48 -17.18
CA GLU B 204 13.14 4.69 -15.92
C GLU B 204 12.44 6.04 -15.87
N ILE B 205 13.01 7.04 -16.56
CA ILE B 205 12.35 8.34 -16.64
C ILE B 205 11.11 8.25 -17.50
N VAL B 206 11.19 7.57 -18.64
CA VAL B 206 10.03 7.44 -19.50
C VAL B 206 8.97 6.65 -18.78
N ARG B 207 9.39 5.64 -18.01
CA ARG B 207 8.47 4.89 -17.16
C ARG B 207 7.73 5.79 -16.20
N ASP B 208 8.44 6.73 -15.57
CA ASP B 208 7.80 7.65 -14.65
C ASP B 208 6.87 8.62 -15.36
N ILE B 209 7.25 9.08 -16.55
CA ILE B 209 6.34 9.89 -17.36
C ILE B 209 5.06 9.13 -17.66
N LYS B 210 5.20 7.90 -18.17
CA LYS B 210 4.03 7.09 -18.48
C LYS B 210 3.14 6.94 -17.26
N GLU B 211 3.75 6.66 -16.11
CA GLU B 211 3.01 6.50 -14.86
C GLU B 211 2.32 7.78 -14.45
N LYS B 212 2.92 8.93 -14.71
CA LYS B 212 2.45 10.23 -14.24
C LYS B 212 1.42 10.88 -15.16
N LEU B 213 1.41 10.58 -16.47
CA LEU B 213 0.76 11.45 -17.46
C LEU B 213 -0.19 10.77 -18.43
N CYS B 214 -0.18 9.45 -18.56
CA CYS B 214 -1.05 8.85 -19.55
C CYS B 214 -2.49 8.80 -19.05
N TYR B 215 -3.42 8.78 -20.01
CA TYR B 215 -4.84 8.69 -19.74
C TYR B 215 -5.50 8.10 -20.97
N VAL B 216 -6.78 7.74 -20.83
CA VAL B 216 -7.52 7.10 -21.90
C VAL B 216 -8.46 8.12 -22.56
N ALA B 217 -8.28 8.29 -23.88
CA ALA B 217 -9.17 9.13 -24.66
C ALA B 217 -10.46 8.38 -24.93
N LEU B 218 -11.58 9.08 -24.88
CA LEU B 218 -12.85 8.43 -25.21
C LEU B 218 -13.01 8.22 -26.72
N ASP B 219 -12.63 9.21 -27.53
CA ASP B 219 -12.64 9.11 -28.99
C ASP B 219 -11.22 9.35 -29.47
N PHE B 220 -10.54 8.27 -29.84
CA PHE B 220 -9.11 8.36 -30.12
C PHE B 220 -8.83 9.22 -31.34
N GLU B 221 -9.58 9.04 -32.43
CA GLU B 221 -9.32 9.85 -33.63
C GLU B 221 -9.61 11.32 -33.38
N GLN B 222 -10.72 11.61 -32.71
CA GLN B 222 -11.04 12.99 -32.38
C GLN B 222 -9.96 13.59 -31.49
N GLU B 223 -9.48 12.81 -30.53
CA GLU B 223 -8.46 13.29 -29.62
C GLU B 223 -7.15 13.54 -30.37
N MET B 224 -6.82 12.67 -31.31
CA MET B 224 -5.65 12.88 -32.17
C MET B 224 -5.81 14.18 -32.95
N ALA B 225 -7.02 14.46 -33.42
CA ALA B 225 -7.26 15.72 -34.12
C ALA B 225 -7.07 16.91 -33.20
N THR B 226 -7.61 16.82 -31.98
CA THR B 226 -7.45 17.90 -31.01
C THR B 226 -5.97 18.14 -30.70
N ALA B 227 -5.20 17.06 -30.57
CA ALA B 227 -3.79 17.22 -30.24
C ALA B 227 -3.02 17.77 -31.43
N ALA B 228 -3.45 17.44 -32.64
CA ALA B 228 -2.79 17.95 -33.83
C ALA B 228 -3.15 19.40 -34.07
N SER B 229 -4.27 19.87 -33.53
CA SER B 229 -4.76 21.21 -33.82
C SER B 229 -4.47 22.19 -32.68
N SER B 230 -3.89 21.72 -31.57
CA SER B 230 -3.51 22.63 -30.49
C SER B 230 -2.64 21.85 -29.51
N SER B 231 -2.15 22.57 -28.49
CA SER B 231 -1.32 22.02 -27.42
C SER B 231 -2.01 22.06 -26.05
N SER B 232 -3.34 22.16 -26.00
CA SER B 232 -3.97 22.37 -24.70
C SER B 232 -3.83 21.17 -23.77
N LEU B 233 -3.60 19.98 -24.30
CA LEU B 233 -3.47 18.78 -23.48
C LEU B 233 -2.03 18.34 -23.33
N GLU B 234 -1.10 19.10 -23.90
CA GLU B 234 0.31 18.74 -23.85
C GLU B 234 0.87 19.08 -22.48
N LYS B 235 1.80 18.26 -22.01
CA LYS B 235 2.42 18.50 -20.72
C LYS B 235 3.92 18.57 -20.88
N SER B 236 4.54 19.15 -19.86
CA SER B 236 5.98 19.27 -19.74
C SER B 236 6.45 18.37 -18.61
N TYR B 237 7.70 17.92 -18.72
CA TYR B 237 8.29 17.11 -17.67
C TYR B 237 9.75 17.50 -17.57
N GLU B 238 10.19 17.76 -16.34
CA GLU B 238 11.51 18.27 -16.06
C GLU B 238 12.43 17.12 -15.66
N LEU B 239 13.46 16.90 -16.45
CA LEU B 239 14.42 15.85 -16.16
C LEU B 239 15.28 16.26 -14.97
N PRO B 240 15.96 15.30 -14.34
CA PRO B 240 16.75 15.65 -13.16
C PRO B 240 17.82 16.67 -13.50
N ASP B 241 18.34 16.60 -14.71
CA ASP B 241 19.18 17.64 -15.29
C ASP B 241 18.37 18.87 -15.65
N GLY B 242 17.11 18.96 -15.24
CA GLY B 242 16.35 20.19 -15.39
C GLY B 242 15.83 20.44 -16.79
N GLN B 243 16.34 19.73 -17.79
CA GLN B 243 15.78 19.80 -19.13
C GLN B 243 14.34 19.32 -19.14
N VAL B 244 13.54 19.91 -20.02
CA VAL B 244 12.10 19.73 -20.07
C VAL B 244 11.71 19.18 -21.43
N ILE B 245 10.92 18.12 -21.42
CA ILE B 245 10.36 17.56 -22.65
C ILE B 245 8.85 17.80 -22.61
N THR B 246 8.24 17.73 -23.78
CA THR B 246 6.80 17.93 -23.93
C THR B 246 6.18 16.72 -24.62
N ILE B 247 5.00 16.33 -24.12
CA ILE B 247 4.30 15.14 -24.58
C ILE B 247 2.87 15.54 -24.89
N GLY B 248 2.41 15.17 -26.09
CA GLY B 248 1.06 15.50 -26.50
C GLY B 248 0.15 14.30 -26.62
N ASN B 249 -0.26 13.97 -27.85
CA ASN B 249 -1.18 12.87 -28.07
C ASN B 249 -0.60 11.52 -27.70
N GLU B 250 0.72 11.47 -27.48
CA GLU B 250 1.31 10.23 -27.01
C GLU B 250 0.72 9.80 -25.69
N ARG B 251 0.24 10.77 -24.91
CA ARG B 251 -0.34 10.48 -23.62
C ARG B 251 -1.40 9.41 -23.76
N PHE B 252 -2.22 9.50 -24.80
CA PHE B 252 -3.27 8.52 -25.00
C PHE B 252 -2.95 7.58 -26.14
N ARG B 253 -1.99 7.91 -26.99
CA ARG B 253 -1.56 6.94 -27.99
C ARG B 253 -0.92 5.73 -27.34
N CYS B 254 -0.21 5.94 -26.23
CA CYS B 254 0.45 4.82 -25.55
C CYS B 254 -0.57 3.81 -25.07
N PRO B 255 -1.54 4.15 -24.22
CA PRO B 255 -2.53 3.15 -23.80
C PRO B 255 -3.49 2.73 -24.89
N GLU B 256 -3.60 3.47 -25.99
CA GLU B 256 -4.43 2.99 -27.09
C GLU B 256 -3.90 1.67 -27.61
N ALA B 257 -2.61 1.43 -27.42
CA ALA B 257 -2.00 0.19 -27.84
C ALA B 257 -2.62 -1.01 -27.14
N LEU B 258 -3.24 -0.79 -25.97
CA LEU B 258 -3.96 -1.87 -25.33
C LEU B 258 -5.09 -2.39 -26.20
N PHE B 259 -5.74 -1.51 -26.94
CA PHE B 259 -6.82 -1.93 -27.81
C PHE B 259 -6.39 -2.22 -29.24
N GLN B 260 -5.33 -1.59 -29.71
CA GLN B 260 -4.82 -1.80 -31.07
C GLN B 260 -3.33 -2.09 -31.11
N PRO B 261 -2.92 -3.31 -30.78
CA PRO B 261 -1.49 -3.65 -30.82
C PRO B 261 -0.87 -3.46 -32.19
N SER B 262 -1.69 -3.31 -33.24
CA SER B 262 -1.19 -3.01 -34.57
C SER B 262 -0.44 -1.69 -34.61
N PHE B 263 -0.69 -0.80 -33.65
CA PHE B 263 0.07 0.44 -33.59
C PHE B 263 1.56 0.13 -33.48
N LEU B 264 1.89 -1.05 -32.95
CA LEU B 264 3.25 -1.53 -32.82
C LEU B 264 3.58 -2.57 -33.87
N GLY B 265 2.72 -2.72 -34.88
CA GLY B 265 2.91 -3.75 -35.87
C GLY B 265 2.53 -5.12 -35.40
N MET B 266 1.70 -5.22 -34.36
CA MET B 266 1.30 -6.50 -33.80
C MET B 266 -0.08 -6.84 -34.34
N GLU B 267 -0.23 -8.07 -34.80
CA GLU B 267 -1.53 -8.61 -35.26
C GLU B 267 -2.29 -9.28 -34.12
N SER B 268 -2.79 -8.47 -33.20
CA SER B 268 -3.41 -9.02 -32.00
C SER B 268 -4.62 -8.18 -31.61
N ALA B 269 -5.66 -8.85 -31.12
CA ALA B 269 -6.86 -8.18 -30.65
C ALA B 269 -6.56 -7.31 -29.43
N GLY B 270 -7.31 -6.22 -29.33
CA GLY B 270 -7.30 -5.42 -28.12
C GLY B 270 -7.86 -6.18 -26.94
N ILE B 271 -7.64 -5.63 -25.76
CA ILE B 271 -8.07 -6.29 -24.53
C ILE B 271 -9.58 -6.44 -24.51
N HIS B 272 -10.30 -5.48 -25.09
CA HIS B 272 -11.75 -5.55 -25.12
C HIS B 272 -12.23 -6.76 -25.92
N GLU B 273 -11.62 -7.00 -27.08
CA GLU B 273 -12.08 -8.09 -27.93
C GLU B 273 -11.65 -9.44 -27.38
N THR B 274 -10.52 -9.48 -26.68
CA THR B 274 -10.09 -10.74 -26.08
C THR B 274 -10.88 -11.04 -24.82
N THR B 275 -11.25 -10.01 -24.07
CA THR B 275 -12.22 -10.17 -22.99
C THR B 275 -13.52 -10.75 -23.52
N PHE B 276 -13.99 -10.24 -24.65
CA PHE B 276 -15.25 -10.72 -25.20
C PHE B 276 -15.11 -12.17 -25.66
N ASN B 277 -14.02 -12.49 -26.34
CA ASN B 277 -13.81 -13.86 -26.79
C ASN B 277 -13.71 -14.80 -25.60
N SER B 278 -13.10 -14.32 -24.51
CA SER B 278 -13.04 -15.10 -23.28
C SER B 278 -14.43 -15.38 -22.77
N ILE B 279 -15.29 -14.36 -22.79
CA ILE B 279 -16.66 -14.52 -22.31
C ILE B 279 -17.39 -15.54 -23.17
N MET B 280 -17.16 -15.50 -24.47
CA MET B 280 -17.85 -16.40 -25.38
C MET B 280 -17.35 -17.83 -25.25
N LYS B 281 -16.20 -18.04 -24.63
CA LYS B 281 -15.75 -19.39 -24.34
C LYS B 281 -16.39 -19.97 -23.08
N CYS B 282 -17.16 -19.18 -22.34
CA CYS B 282 -17.67 -19.60 -21.05
C CYS B 282 -19.10 -20.12 -21.15
N ASP B 283 -19.54 -20.78 -20.09
CA ASP B 283 -20.91 -21.26 -20.02
C ASP B 283 -21.86 -20.11 -20.32
N VAL B 284 -22.82 -20.35 -21.22
CA VAL B 284 -23.79 -19.32 -21.57
C VAL B 284 -24.50 -18.79 -20.33
N ASP B 285 -24.76 -19.67 -19.36
CA ASP B 285 -25.62 -19.31 -18.24
C ASP B 285 -24.99 -18.41 -17.19
N ILE B 286 -23.67 -18.22 -17.18
CA ILE B 286 -23.04 -17.38 -16.15
C ILE B 286 -22.49 -16.09 -16.73
N ARG B 287 -22.57 -15.93 -18.05
CA ARG B 287 -21.96 -14.77 -18.71
C ARG B 287 -22.56 -13.47 -18.20
N LYS B 288 -23.86 -13.47 -17.98
CA LYS B 288 -24.53 -12.29 -17.43
C LYS B 288 -23.75 -11.77 -16.23
N ASP B 289 -23.44 -12.65 -15.29
CA ASP B 289 -22.76 -12.20 -14.08
C ASP B 289 -21.36 -11.72 -14.44
N LEU B 290 -20.71 -12.46 -15.32
CA LEU B 290 -19.40 -12.07 -15.83
C LEU B 290 -19.48 -10.69 -16.47
N TYR B 291 -20.50 -10.46 -17.30
CA TYR B 291 -20.67 -9.17 -17.94
C TYR B 291 -20.75 -8.05 -16.91
N ALA B 292 -21.31 -8.36 -15.74
CA ALA B 292 -21.53 -7.43 -14.65
C ALA B 292 -20.41 -7.42 -13.61
N ASN B 293 -19.33 -8.18 -13.83
CA ASN B 293 -18.22 -8.25 -12.88
C ASN B 293 -16.86 -8.25 -13.60
N THR B 294 -16.63 -7.20 -14.39
CA THR B 294 -15.36 -6.99 -15.08
C THR B 294 -14.42 -6.23 -14.15
N VAL B 295 -13.37 -6.91 -13.70
CA VAL B 295 -12.48 -6.43 -12.64
C VAL B 295 -11.12 -6.10 -13.24
N LEU B 296 -10.63 -4.91 -12.94
CA LEU B 296 -9.31 -4.47 -13.38
C LEU B 296 -8.29 -4.69 -12.27
N SER B 297 -7.14 -5.24 -12.62
CA SER B 297 -6.05 -5.40 -11.67
C SER B 297 -4.72 -5.15 -12.37
N GLY B 298 -3.73 -4.79 -11.56
CA GLY B 298 -2.39 -4.56 -12.06
C GLY B 298 -2.08 -3.08 -12.23
N GLY B 299 -0.80 -2.74 -12.12
CA GLY B 299 -0.41 -1.34 -12.20
C GLY B 299 -0.74 -0.71 -13.53
N THR B 300 -0.76 -1.51 -14.60
CA THR B 300 -1.01 -0.98 -15.93
C THR B 300 -2.49 -0.69 -16.18
N THR B 301 -3.37 -1.13 -15.29
CA THR B 301 -4.78 -0.80 -15.36
C THR B 301 -5.13 0.46 -14.59
N MET B 302 -4.14 1.17 -14.08
CA MET B 302 -4.38 2.36 -13.28
C MET B 302 -4.55 3.61 -14.12
N TYR B 303 -4.50 3.50 -15.44
CA TYR B 303 -4.68 4.67 -16.29
C TYR B 303 -6.05 5.28 -16.07
N PRO B 304 -6.15 6.60 -15.86
CA PRO B 304 -7.46 7.25 -15.84
C PRO B 304 -8.22 7.08 -17.14
N GLY B 305 -9.51 6.78 -17.00
CA GLY B 305 -10.40 6.69 -18.14
C GLY B 305 -10.54 5.31 -18.75
N ILE B 306 -9.82 4.32 -18.26
CA ILE B 306 -9.83 3.00 -18.90
C ILE B 306 -11.17 2.31 -18.71
N ALA B 307 -11.78 2.48 -17.53
CA ALA B 307 -13.04 1.80 -17.27
C ALA B 307 -14.16 2.32 -18.17
N ASP B 308 -14.30 3.63 -18.25
CA ASP B 308 -15.32 4.21 -19.12
C ASP B 308 -15.13 3.78 -20.57
N ARG B 309 -13.89 3.84 -21.05
CA ARG B 309 -13.64 3.47 -22.43
C ARG B 309 -13.95 1.99 -22.68
N MET B 310 -13.57 1.12 -21.76
CA MET B 310 -13.92 -0.29 -21.88
C MET B 310 -15.43 -0.45 -21.94
N GLN B 311 -16.15 0.26 -21.06
CA GLN B 311 -17.60 0.25 -21.08
C GLN B 311 -18.09 0.57 -22.49
N LYS B 312 -17.51 1.60 -23.08
CA LYS B 312 -17.94 2.08 -24.40
C LYS B 312 -17.66 1.03 -25.46
N GLU B 313 -16.47 0.43 -25.43
CA GLU B 313 -16.11 -0.52 -26.47
C GLU B 313 -16.97 -1.78 -26.39
N ILE B 314 -17.17 -2.31 -25.19
CA ILE B 314 -18.02 -3.46 -25.04
C ILE B 314 -19.45 -3.13 -25.48
N THR B 315 -19.95 -1.96 -25.07
CA THR B 315 -21.28 -1.54 -25.50
C THR B 315 -21.38 -1.53 -27.02
N ALA B 316 -20.36 -1.00 -27.69
CA ALA B 316 -20.40 -0.97 -29.14
C ALA B 316 -20.38 -2.37 -29.71
N LEU B 317 -19.65 -3.28 -29.07
CA LEU B 317 -19.52 -4.66 -29.54
C LEU B 317 -20.62 -5.58 -29.05
N ALA B 318 -21.12 -5.34 -27.85
CA ALA B 318 -22.04 -6.29 -27.24
C ALA B 318 -23.47 -6.06 -27.71
N PRO B 319 -24.34 -7.05 -27.51
CA PRO B 319 -25.76 -6.85 -27.82
C PRO B 319 -26.29 -5.62 -27.10
N SER B 320 -27.25 -4.96 -27.75
CA SER B 320 -27.80 -3.74 -27.16
C SER B 320 -28.45 -4.03 -25.83
N THR B 321 -28.88 -5.29 -25.61
CA THR B 321 -29.47 -5.71 -24.36
C THR B 321 -28.45 -5.87 -23.25
N MET B 322 -27.18 -6.11 -23.59
CA MET B 322 -26.24 -6.57 -22.58
C MET B 322 -25.97 -5.46 -21.58
N LYS B 323 -26.02 -5.79 -20.29
CA LYS B 323 -25.60 -4.87 -19.25
C LYS B 323 -24.09 -4.95 -19.09
N ILE B 324 -23.42 -3.80 -19.11
CA ILE B 324 -21.97 -3.73 -19.08
C ILE B 324 -21.57 -2.94 -17.84
N LYS B 325 -20.68 -3.53 -17.05
CA LYS B 325 -20.18 -2.90 -15.83
C LYS B 325 -18.67 -3.06 -15.77
N ILE B 326 -17.97 -1.94 -15.67
CA ILE B 326 -16.51 -1.91 -15.55
C ILE B 326 -16.17 -1.51 -14.12
N ILE B 327 -15.54 -2.40 -13.37
CA ILE B 327 -15.17 -2.12 -11.98
C ILE B 327 -13.69 -1.81 -11.93
N ALA B 328 -13.35 -0.63 -11.40
CA ALA B 328 -11.96 -0.21 -11.20
C ALA B 328 -11.70 0.08 -9.72
N PRO B 329 -11.38 -0.92 -8.92
CA PRO B 329 -11.02 -0.65 -7.52
C PRO B 329 -9.84 0.30 -7.45
N PRO B 330 -9.85 1.29 -6.56
CA PRO B 330 -8.96 2.45 -6.74
C PRO B 330 -7.51 2.17 -6.38
N GLU B 331 -7.23 1.16 -5.55
CA GLU B 331 -5.86 0.75 -5.26
C GLU B 331 -5.54 -0.60 -5.90
N ARG B 332 -6.32 -0.97 -6.92
CA ARG B 332 -6.29 -2.32 -7.46
C ARG B 332 -4.89 -2.81 -7.78
N LYS B 333 -3.95 -1.90 -8.03
CA LYS B 333 -2.54 -2.24 -8.19
C LYS B 333 -1.95 -3.06 -7.05
N TYR B 334 -2.63 -3.14 -5.90
CA TYR B 334 -2.18 -4.01 -4.82
C TYR B 334 -3.33 -4.82 -4.21
N SER B 335 -4.53 -4.72 -4.79
CA SER B 335 -5.70 -5.41 -4.26
C SER B 335 -5.45 -6.89 -4.06
N VAL B 336 -4.65 -7.48 -4.93
CA VAL B 336 -4.29 -8.90 -4.85
C VAL B 336 -3.79 -9.26 -3.46
N TRP B 337 -2.91 -8.44 -2.89
CA TRP B 337 -2.33 -8.82 -1.61
C TRP B 337 -3.38 -8.79 -0.52
N ILE B 338 -4.29 -7.82 -0.58
CA ILE B 338 -5.37 -7.78 0.38
C ILE B 338 -6.11 -9.11 0.37
N GLY B 339 -6.44 -9.59 -0.82
CA GLY B 339 -7.16 -10.84 -0.90
C GLY B 339 -6.44 -11.99 -0.24
N GLY B 340 -5.13 -12.09 -0.45
CA GLY B 340 -4.39 -13.15 0.21
C GLY B 340 -4.50 -13.07 1.72
N SER B 341 -4.37 -11.87 2.27
CA SER B 341 -4.52 -11.72 3.71
C SER B 341 -5.87 -12.24 4.16
N ILE B 342 -6.91 -11.88 3.41
CA ILE B 342 -8.25 -12.37 3.71
C ILE B 342 -8.28 -13.90 3.68
N LEU B 343 -7.81 -14.48 2.58
CA LEU B 343 -7.98 -15.92 2.39
C LEU B 343 -7.41 -16.75 3.54
N ALA B 344 -6.14 -16.55 3.86
CA ALA B 344 -5.52 -17.28 4.95
C ALA B 344 -5.98 -16.83 6.33
N SER B 345 -6.78 -15.76 6.41
CA SER B 345 -7.32 -15.34 7.69
C SER B 345 -8.33 -16.33 8.27
N LEU B 346 -9.04 -17.07 7.43
CA LEU B 346 -10.34 -17.58 7.82
C LEU B 346 -10.26 -18.89 8.61
N SER B 347 -11.26 -19.08 9.48
CA SER B 347 -11.45 -20.37 10.16
C SER B 347 -11.69 -21.50 9.16
N THR B 348 -12.56 -21.27 8.18
CA THR B 348 -12.78 -22.26 7.13
C THR B 348 -11.47 -22.65 6.46
N PHE B 349 -10.46 -21.81 6.57
CA PHE B 349 -9.16 -22.10 6.00
C PHE B 349 -8.48 -23.26 6.70
N GLN B 350 -8.90 -23.62 7.91
CA GLN B 350 -8.25 -24.72 8.63
C GLN B 350 -8.20 -25.99 7.79
N GLN B 351 -9.26 -26.28 7.04
CA GLN B 351 -9.21 -27.45 6.17
C GLN B 351 -8.33 -27.17 4.98
N MET B 352 -8.21 -25.90 4.62
CA MET B 352 -7.54 -25.49 3.40
C MET B 352 -6.03 -25.59 3.53
N TRP B 353 -5.52 -25.57 4.76
CA TRP B 353 -4.10 -25.78 4.98
C TRP B 353 -3.69 -27.10 4.34
N ILE B 354 -2.64 -27.06 3.53
CA ILE B 354 -1.81 -28.21 3.27
C ILE B 354 -0.92 -28.44 4.48
N SER B 355 -0.86 -29.67 4.98
CA SER B 355 -0.01 -29.91 6.13
C SER B 355 1.31 -30.55 5.69
N LYS B 356 2.35 -30.34 6.50
CA LYS B 356 3.62 -31.01 6.27
C LYS B 356 3.44 -32.51 6.26
N GLN B 357 2.48 -33.00 7.03
CA GLN B 357 2.21 -34.43 7.11
C GLN B 357 1.65 -34.97 5.80
N GLU B 358 0.67 -34.25 5.22
CA GLU B 358 0.14 -34.68 3.93
C GLU B 358 1.26 -34.80 2.90
N TYR B 359 2.21 -33.87 2.93
CA TYR B 359 3.31 -33.91 1.96
C TYR B 359 4.26 -35.07 2.21
N ASP B 360 4.57 -35.34 3.49
CA ASP B 360 5.43 -36.48 3.79
C ASP B 360 4.77 -37.81 3.46
N GLU B 361 3.45 -37.90 3.65
CA GLU B 361 2.75 -39.16 3.38
C GLU B 361 2.53 -39.40 1.89
N SER B 362 2.03 -38.38 1.17
CA SER B 362 1.51 -38.55 -0.17
C SER B 362 2.39 -37.96 -1.25
N GLY B 363 3.35 -37.11 -0.88
CA GLY B 363 4.22 -36.45 -1.81
C GLY B 363 3.62 -35.24 -2.49
N PRO B 364 4.40 -34.65 -3.40
CA PRO B 364 3.98 -33.39 -4.05
C PRO B 364 2.74 -33.47 -4.92
N SER B 365 2.41 -34.61 -5.52
CA SER B 365 1.27 -34.61 -6.43
C SER B 365 -0.08 -34.34 -5.79
N ILE B 366 -0.16 -34.31 -4.46
CA ILE B 366 -1.41 -33.91 -3.83
C ILE B 366 -1.77 -32.50 -4.25
N VAL B 367 -0.76 -31.69 -4.57
CA VAL B 367 -1.02 -30.29 -4.89
C VAL B 367 -1.85 -30.21 -6.15
N HIS B 368 -1.71 -31.18 -7.04
CA HIS B 368 -2.48 -31.12 -8.26
C HIS B 368 -3.93 -31.51 -8.00
N ARG B 369 -4.13 -32.39 -7.03
CA ARG B 369 -5.47 -32.86 -6.69
C ARG B 369 -6.20 -31.88 -5.77
N LYS B 370 -5.49 -31.33 -4.79
CA LYS B 370 -6.07 -30.57 -3.70
C LYS B 370 -6.11 -29.07 -3.94
N CYS B 371 -5.24 -28.55 -4.79
CA CYS B 371 -5.00 -27.12 -4.92
C CYS B 371 -5.51 -26.71 -6.29
N PHE B 372 -6.70 -26.11 -6.27
CA PHE B 372 -7.34 -25.52 -7.43
C PHE B 372 -8.37 -24.48 -7.02
N GLY C 3 -21.69 -54.85 -1.44
CA GLY C 3 -21.55 -54.42 -2.85
C GLY C 3 -20.81 -53.12 -3.00
N TRP C 4 -21.06 -52.42 -4.11
CA TRP C 4 -20.46 -51.11 -4.33
C TRP C 4 -21.04 -50.11 -3.33
N ASN C 5 -22.27 -50.36 -2.89
CA ASN C 5 -22.92 -49.53 -1.90
C ASN C 5 -22.17 -49.50 -0.58
N ALA C 6 -21.44 -50.57 -0.23
CA ALA C 6 -20.60 -50.48 0.96
C ALA C 6 -19.56 -49.36 0.83
N TYR C 7 -19.07 -49.12 -0.39
CA TYR C 7 -18.13 -48.03 -0.59
C TYR C 7 -18.85 -46.69 -0.61
N ILE C 8 -20.08 -46.65 -1.14
CA ILE C 8 -20.87 -45.42 -1.04
C ILE C 8 -21.10 -45.05 0.42
N ASP C 9 -21.53 -46.04 1.22
CA ASP C 9 -21.71 -45.84 2.65
C ASP C 9 -20.42 -45.36 3.31
N ASN C 10 -19.29 -45.98 3.00
CA ASN C 10 -18.02 -45.60 3.61
C ASN C 10 -17.65 -44.16 3.29
N LEU C 11 -17.75 -43.79 2.01
CA LEU C 11 -17.33 -42.45 1.60
C LEU C 11 -18.23 -41.35 2.15
N MET C 12 -19.48 -41.66 2.48
CA MET C 12 -20.41 -40.65 2.96
C MET C 12 -20.37 -40.45 4.46
N ALA C 13 -19.60 -41.26 5.18
CA ALA C 13 -19.73 -41.35 6.63
C ALA C 13 -19.35 -40.04 7.32
N ASP C 14 -18.34 -39.34 6.83
CA ASP C 14 -17.82 -38.19 7.56
C ASP C 14 -18.60 -36.90 7.35
N GLY C 15 -19.69 -36.93 6.59
CA GLY C 15 -20.58 -35.78 6.50
C GLY C 15 -20.07 -34.62 5.68
N THR C 16 -18.92 -34.75 5.02
CA THR C 16 -18.43 -33.64 4.22
C THR C 16 -19.17 -33.58 2.89
N CYS C 17 -19.59 -34.73 2.38
CA CYS C 17 -20.23 -34.84 1.07
C CYS C 17 -21.69 -35.17 1.27
N GLN C 18 -22.52 -34.69 0.36
CA GLN C 18 -23.94 -34.99 0.38
C GLN C 18 -24.34 -36.07 -0.61
N ASP C 19 -23.47 -36.43 -1.55
CA ASP C 19 -23.86 -37.46 -2.52
C ASP C 19 -22.63 -38.21 -3.00
N ALA C 20 -22.83 -39.49 -3.32
CA ALA C 20 -21.73 -40.32 -3.80
C ALA C 20 -22.30 -41.46 -4.63
N ALA C 21 -21.48 -41.96 -5.54
CA ALA C 21 -21.95 -43.02 -6.43
C ALA C 21 -20.78 -43.67 -7.14
N ILE C 22 -20.99 -44.91 -7.56
CA ILE C 22 -20.09 -45.67 -8.41
C ILE C 22 -20.87 -46.08 -9.65
N VAL C 23 -20.38 -45.68 -10.81
CA VAL C 23 -21.08 -45.85 -12.08
C VAL C 23 -20.14 -46.56 -13.03
N GLY C 24 -20.58 -47.67 -13.61
CA GLY C 24 -19.79 -48.27 -14.67
C GLY C 24 -19.88 -47.44 -15.94
N TYR C 25 -18.73 -47.24 -16.56
CA TYR C 25 -18.56 -46.44 -17.76
C TYR C 25 -18.11 -47.23 -18.96
N LYS C 26 -17.77 -48.50 -18.80
CA LYS C 26 -17.34 -49.34 -19.90
C LYS C 26 -18.54 -49.94 -20.61
N ASP C 27 -18.39 -50.19 -21.91
CA ASP C 27 -19.44 -50.80 -22.72
C ASP C 27 -20.67 -49.89 -22.59
N SER C 28 -21.76 -50.37 -22.01
CA SER C 28 -22.94 -49.54 -21.77
C SER C 28 -22.91 -49.09 -20.32
N PRO C 29 -22.81 -47.79 -20.03
CA PRO C 29 -22.72 -47.37 -18.63
C PRO C 29 -24.00 -47.65 -17.87
N SER C 30 -23.86 -47.80 -16.55
CA SER C 30 -24.99 -48.02 -15.67
C SER C 30 -24.56 -47.68 -14.24
N VAL C 31 -25.50 -47.19 -13.45
CA VAL C 31 -25.21 -46.87 -12.06
C VAL C 31 -25.05 -48.19 -11.31
N TRP C 32 -23.82 -48.50 -10.92
CA TRP C 32 -23.56 -49.70 -10.13
C TRP C 32 -24.05 -49.54 -8.69
N ALA C 33 -23.85 -48.36 -8.10
CA ALA C 33 -24.26 -48.09 -6.73
C ALA C 33 -24.37 -46.58 -6.56
N ALA C 34 -25.26 -46.16 -5.67
CA ALA C 34 -25.45 -44.73 -5.47
C ALA C 34 -26.14 -44.50 -4.14
N VAL C 35 -26.03 -43.27 -3.65
CA VAL C 35 -26.71 -42.87 -2.43
C VAL C 35 -28.21 -42.85 -2.73
N PRO C 36 -29.03 -43.63 -2.02
CA PRO C 36 -30.47 -43.58 -2.28
C PRO C 36 -31.07 -42.24 -1.92
N GLY C 37 -32.10 -41.86 -2.68
CA GLY C 37 -32.86 -40.66 -2.39
C GLY C 37 -32.18 -39.36 -2.75
N LYS C 38 -31.06 -39.40 -3.46
CA LYS C 38 -30.32 -38.22 -3.87
C LYS C 38 -30.37 -38.06 -5.39
N THR C 39 -29.29 -37.52 -5.96
CA THR C 39 -29.21 -37.10 -7.36
C THR C 39 -28.52 -38.12 -8.24
N PHE C 40 -27.36 -38.63 -7.81
CA PHE C 40 -26.55 -39.46 -8.69
C PHE C 40 -27.27 -40.73 -9.13
N VAL C 41 -28.18 -41.28 -8.30
CA VAL C 41 -28.86 -42.50 -8.68
C VAL C 41 -29.63 -42.40 -9.99
N ASN C 42 -30.00 -41.20 -10.44
CA ASN C 42 -30.79 -41.08 -11.65
C ASN C 42 -29.96 -40.62 -12.84
N ILE C 43 -28.64 -40.52 -12.69
CA ILE C 43 -27.77 -40.15 -13.79
C ILE C 43 -27.87 -41.21 -14.89
N THR C 44 -27.90 -40.78 -16.15
CA THR C 44 -28.04 -41.76 -17.21
C THR C 44 -26.71 -42.11 -17.85
N PRO C 45 -26.64 -43.27 -18.50
CA PRO C 45 -25.44 -43.65 -19.28
C PRO C 45 -24.99 -42.66 -20.33
N ALA C 46 -25.90 -41.94 -21.00
CA ALA C 46 -25.49 -41.01 -22.03
C ALA C 46 -24.62 -39.90 -21.45
N GLU C 47 -24.92 -39.46 -20.23
CA GLU C 47 -24.08 -38.45 -19.58
C GLU C 47 -22.69 -39.01 -19.35
N VAL C 48 -22.60 -40.27 -18.92
CA VAL C 48 -21.28 -40.92 -18.80
C VAL C 48 -20.59 -40.93 -20.15
N GLY C 49 -21.34 -41.20 -21.21
CA GLY C 49 -20.74 -41.24 -22.54
C GLY C 49 -20.17 -39.89 -22.90
N VAL C 50 -20.85 -38.83 -22.45
CA VAL C 50 -20.35 -37.48 -22.68
C VAL C 50 -19.07 -37.27 -21.89
N LEU C 51 -19.01 -37.82 -20.67
CA LEU C 51 -17.83 -37.66 -19.84
C LEU C 51 -16.61 -38.26 -20.53
N VAL C 52 -16.77 -39.42 -21.15
CA VAL C 52 -15.66 -40.16 -21.72
C VAL C 52 -15.59 -40.02 -23.24
N GLY C 53 -16.35 -39.09 -23.81
CA GLY C 53 -16.48 -38.98 -25.24
C GLY C 53 -15.35 -38.19 -25.88
N LYS C 54 -15.45 -38.08 -27.21
CA LYS C 54 -14.41 -37.41 -27.98
C LYS C 54 -14.56 -35.89 -28.00
N ASP C 55 -15.79 -35.40 -27.96
CA ASP C 55 -16.03 -33.96 -27.95
C ASP C 55 -15.84 -33.48 -26.52
N ARG C 56 -14.70 -32.83 -26.26
CA ARG C 56 -14.39 -32.31 -24.94
C ARG C 56 -14.58 -30.80 -24.88
N SER C 57 -15.42 -30.24 -25.75
CA SER C 57 -15.54 -28.78 -25.86
C SER C 57 -16.96 -28.25 -25.72
N SER C 58 -17.96 -29.01 -26.19
CA SER C 58 -19.31 -28.47 -26.24
C SER C 58 -19.86 -28.23 -24.82
N PHE C 59 -19.54 -29.11 -23.88
CA PHE C 59 -20.08 -28.96 -22.54
C PHE C 59 -19.49 -27.77 -21.80
N TYR C 60 -18.46 -27.14 -22.36
CA TYR C 60 -17.98 -25.89 -21.81
C TYR C 60 -18.96 -24.76 -22.05
N VAL C 61 -19.62 -24.76 -23.20
CA VAL C 61 -20.54 -23.69 -23.56
C VAL C 61 -21.98 -24.04 -23.24
N ASN C 62 -22.36 -25.31 -23.38
CA ASN C 62 -23.74 -25.66 -23.11
C ASN C 62 -23.97 -26.17 -21.70
N GLY C 63 -22.91 -26.54 -20.99
CA GLY C 63 -23.08 -27.12 -19.68
C GLY C 63 -23.65 -28.52 -19.80
N LEU C 64 -23.92 -29.11 -18.64
CA LEU C 64 -24.59 -30.39 -18.56
C LEU C 64 -25.32 -30.47 -17.23
N THR C 65 -26.19 -31.47 -17.12
CA THR C 65 -26.94 -31.72 -15.90
C THR C 65 -26.57 -33.12 -15.43
N LEU C 66 -26.56 -33.30 -14.11
CA LEU C 66 -26.40 -34.60 -13.48
C LEU C 66 -27.54 -34.81 -12.49
N GLY C 67 -28.39 -35.77 -12.78
CA GLY C 67 -29.59 -35.97 -11.98
C GLY C 67 -30.37 -34.68 -11.90
N GLY C 68 -30.27 -33.89 -12.98
CA GLY C 68 -30.94 -32.61 -13.09
C GLY C 68 -30.22 -31.43 -12.49
N GLN C 69 -29.15 -31.64 -11.71
CA GLN C 69 -28.38 -30.52 -11.18
C GLN C 69 -27.39 -30.09 -12.25
N LYS C 70 -27.46 -28.83 -12.67
CA LYS C 70 -26.51 -28.31 -13.64
C LYS C 70 -25.13 -28.17 -13.03
N CYS C 71 -24.11 -28.63 -13.76
CA CYS C 71 -22.74 -28.46 -13.30
C CYS C 71 -21.86 -27.95 -14.43
N SER C 72 -20.79 -27.26 -14.04
CA SER C 72 -19.75 -26.79 -14.93
C SER C 72 -18.43 -27.51 -14.67
N VAL C 73 -17.73 -27.86 -15.75
CA VAL C 73 -16.44 -28.54 -15.65
C VAL C 73 -15.39 -27.47 -15.41
N ILE C 74 -14.65 -27.61 -14.30
CA ILE C 74 -13.59 -26.71 -13.89
C ILE C 74 -12.25 -27.23 -14.37
N ARG C 75 -11.90 -28.45 -13.98
CA ARG C 75 -10.67 -29.10 -14.38
C ARG C 75 -10.97 -30.44 -15.01
N ASP C 76 -10.18 -30.80 -16.03
CA ASP C 76 -10.30 -32.08 -16.71
C ASP C 76 -8.94 -32.75 -16.80
N SER C 77 -8.74 -33.79 -15.99
CA SER C 77 -7.57 -34.65 -16.11
C SER C 77 -8.03 -36.09 -16.19
N LEU C 78 -9.28 -36.28 -16.62
CA LEU C 78 -9.96 -37.55 -16.54
C LEU C 78 -9.37 -38.56 -17.51
N LEU C 79 -8.73 -38.09 -18.57
CA LEU C 79 -8.17 -38.95 -19.60
C LEU C 79 -6.67 -39.06 -19.50
N GLN C 80 -6.08 -38.56 -18.41
CA GLN C 80 -4.64 -38.56 -18.23
C GLN C 80 -4.25 -39.68 -17.28
N ASP C 81 -3.27 -40.48 -17.70
CA ASP C 81 -2.84 -41.58 -16.85
C ASP C 81 -2.18 -41.00 -15.60
N GLY C 82 -2.44 -41.61 -14.46
CA GLY C 82 -1.95 -41.07 -13.21
C GLY C 82 -2.87 -40.05 -12.57
N GLU C 83 -3.77 -39.46 -13.35
CA GLU C 83 -4.71 -38.45 -12.87
C GLU C 83 -6.11 -39.04 -12.82
N PHE C 84 -6.74 -39.27 -13.97
CA PHE C 84 -8.02 -39.95 -14.04
C PHE C 84 -9.11 -39.22 -13.24
N SER C 85 -9.10 -37.89 -13.28
CA SER C 85 -10.08 -37.14 -12.54
C SER C 85 -10.58 -35.92 -13.31
N MET C 86 -11.83 -35.55 -13.04
CA MET C 86 -12.45 -34.34 -13.55
C MET C 86 -13.12 -33.64 -12.36
N ASP C 87 -12.95 -32.33 -12.31
CA ASP C 87 -13.48 -31.49 -11.23
C ASP C 87 -14.60 -30.61 -11.77
N LEU C 88 -15.73 -30.57 -11.06
CA LEU C 88 -16.86 -29.75 -11.47
C LEU C 88 -17.43 -29.01 -10.27
N ARG C 89 -18.25 -28.01 -10.54
CA ARG C 89 -19.11 -27.43 -9.50
C ARG C 89 -20.53 -27.28 -10.01
N THR C 90 -21.50 -27.48 -9.13
CA THR C 90 -22.89 -27.40 -9.54
C THR C 90 -23.26 -25.96 -9.88
N LYS C 91 -24.36 -25.80 -10.59
CA LYS C 91 -24.88 -24.49 -10.95
C LYS C 91 -26.27 -24.29 -10.38
N SER C 92 -26.55 -23.08 -9.92
CA SER C 92 -27.80 -22.76 -9.27
C SER C 92 -28.39 -21.50 -9.89
N THR C 93 -29.63 -21.21 -9.50
CA THR C 93 -30.30 -19.97 -9.84
C THR C 93 -30.68 -19.23 -8.56
N GLY C 94 -30.74 -17.90 -8.66
CA GLY C 94 -31.24 -17.11 -7.54
C GLY C 94 -30.46 -17.29 -6.26
N GLY C 95 -29.13 -17.36 -6.36
CA GLY C 95 -28.30 -17.38 -5.17
C GLY C 95 -28.36 -18.67 -4.39
N ALA C 96 -29.06 -19.68 -4.89
CA ALA C 96 -29.10 -20.97 -4.23
C ALA C 96 -27.68 -21.54 -4.20
N PRO C 97 -27.34 -22.30 -3.16
CA PRO C 97 -25.96 -22.78 -3.03
C PRO C 97 -25.56 -23.69 -4.18
N THR C 98 -24.26 -23.71 -4.44
CA THR C 98 -23.64 -24.57 -5.43
C THR C 98 -22.72 -25.54 -4.69
N PHE C 99 -22.36 -26.62 -5.36
CA PHE C 99 -21.65 -27.70 -4.68
C PHE C 99 -20.50 -28.16 -5.55
N ASN C 100 -19.46 -28.66 -4.88
CA ASN C 100 -18.28 -29.16 -5.56
C ASN C 100 -18.52 -30.62 -5.93
N VAL C 101 -18.05 -31.01 -7.09
CA VAL C 101 -18.21 -32.37 -7.59
C VAL C 101 -16.84 -32.88 -7.98
N THR C 102 -16.60 -34.16 -7.71
CA THR C 102 -15.40 -34.81 -8.21
C THR C 102 -15.75 -36.13 -8.87
N VAL C 103 -15.20 -36.36 -10.05
CA VAL C 103 -15.28 -37.63 -10.76
C VAL C 103 -13.87 -38.18 -10.82
N THR C 104 -13.68 -39.41 -10.37
CA THR C 104 -12.42 -40.09 -10.56
C THR C 104 -12.66 -41.35 -11.39
N LYS C 105 -11.63 -41.79 -12.09
CA LYS C 105 -11.74 -42.88 -13.05
C LYS C 105 -10.75 -43.95 -12.64
N THR C 106 -11.25 -45.12 -12.31
CA THR C 106 -10.40 -46.23 -11.95
C THR C 106 -10.24 -47.13 -13.16
N ASP C 107 -9.90 -48.40 -12.93
CA ASP C 107 -9.77 -49.34 -14.04
C ASP C 107 -11.14 -49.71 -14.61
N LYS C 108 -12.18 -49.77 -13.77
CA LYS C 108 -13.49 -50.24 -14.19
C LYS C 108 -14.65 -49.30 -13.88
N THR C 109 -14.47 -48.29 -13.03
CA THR C 109 -15.60 -47.53 -12.52
C THR C 109 -15.32 -46.03 -12.57
N LEU C 110 -16.40 -45.26 -12.49
CA LEU C 110 -16.37 -43.84 -12.17
C LEU C 110 -16.87 -43.63 -10.74
N VAL C 111 -16.08 -42.92 -9.94
CA VAL C 111 -16.46 -42.55 -8.59
C VAL C 111 -16.89 -41.10 -8.64
N LEU C 112 -18.10 -40.83 -8.17
CA LEU C 112 -18.67 -39.50 -8.22
C LEU C 112 -19.00 -39.04 -6.81
N LEU C 113 -18.67 -37.77 -6.53
CA LEU C 113 -18.95 -37.17 -5.23
C LEU C 113 -19.51 -35.77 -5.38
N MET C 114 -20.52 -35.47 -4.57
CA MET C 114 -21.10 -34.15 -4.43
C MET C 114 -20.92 -33.67 -2.99
N GLY C 115 -20.24 -32.53 -2.85
CA GLY C 115 -20.01 -31.92 -1.56
C GLY C 115 -21.24 -31.24 -1.02
N LYS C 116 -21.27 -31.04 0.30
CA LYS C 116 -22.30 -30.20 0.88
C LYS C 116 -22.02 -28.72 0.59
N GLU C 117 -22.95 -27.87 1.01
CA GLU C 117 -22.72 -26.43 1.18
C GLU C 117 -21.31 -26.07 1.67
N GLY C 118 -20.59 -25.26 0.90
CA GLY C 118 -19.36 -24.67 1.36
C GLY C 118 -18.18 -25.61 1.52
N VAL C 119 -18.39 -26.92 1.46
CA VAL C 119 -17.26 -27.83 1.58
C VAL C 119 -16.38 -27.65 0.35
N HIS C 120 -15.12 -27.34 0.58
CA HIS C 120 -14.23 -27.06 -0.53
C HIS C 120 -13.95 -28.31 -1.35
N GLY C 121 -13.85 -28.13 -2.65
CA GLY C 121 -13.69 -29.25 -3.58
C GLY C 121 -12.47 -30.10 -3.31
N GLY C 122 -11.44 -29.52 -2.70
CA GLY C 122 -10.22 -30.27 -2.41
C GLY C 122 -10.39 -31.40 -1.42
N LEU C 123 -11.22 -31.23 -0.39
CA LEU C 123 -11.46 -32.36 0.50
C LEU C 123 -12.15 -33.50 -0.24
N ILE C 124 -13.18 -33.16 -1.02
CA ILE C 124 -13.90 -34.19 -1.76
C ILE C 124 -12.95 -34.88 -2.72
N ASN C 125 -12.12 -34.06 -3.38
CA ASN C 125 -11.14 -34.58 -4.33
C ASN C 125 -10.16 -35.53 -3.65
N LYS C 126 -9.65 -35.14 -2.48
CA LYS C 126 -8.72 -36.02 -1.77
C LYS C 126 -9.36 -37.34 -1.41
N LYS C 127 -10.56 -37.28 -0.85
CA LYS C 127 -11.25 -38.52 -0.47
C LYS C 127 -11.49 -39.40 -1.68
N CYS C 128 -12.00 -38.82 -2.76
CA CYS C 128 -12.31 -39.60 -3.95
C CYS C 128 -11.06 -40.17 -4.59
N TYR C 129 -9.98 -39.38 -4.65
CA TYR C 129 -8.76 -39.88 -5.27
C TYR C 129 -8.13 -40.98 -4.43
N GLU C 130 -8.17 -40.84 -3.12
CA GLU C 130 -7.54 -41.85 -2.29
C GLU C 130 -8.32 -43.16 -2.36
N MET C 131 -9.65 -43.06 -2.35
CA MET C 131 -10.46 -44.26 -2.53
C MET C 131 -10.24 -44.87 -3.91
N ALA C 132 -10.12 -44.03 -4.94
CA ALA C 132 -9.89 -44.52 -6.29
C ALA C 132 -8.54 -45.22 -6.37
N SER C 133 -7.51 -44.61 -5.80
CA SER C 133 -6.19 -45.22 -5.74
C SER C 133 -6.26 -46.56 -5.02
N HIS C 134 -7.03 -46.63 -3.94
CA HIS C 134 -7.19 -47.90 -3.23
C HIS C 134 -7.85 -48.95 -4.11
N LEU C 135 -8.78 -48.53 -4.97
CA LEU C 135 -9.48 -49.50 -5.80
C LEU C 135 -8.62 -49.92 -6.99
N ARG C 136 -7.88 -48.97 -7.58
CA ARG C 136 -6.94 -49.32 -8.63
C ARG C 136 -5.90 -50.28 -8.07
N ARG C 137 -5.43 -49.99 -6.86
CA ARG C 137 -4.50 -50.87 -6.19
C ARG C 137 -5.12 -52.25 -6.03
N SER C 138 -6.44 -52.30 -5.91
CA SER C 138 -7.20 -53.54 -5.87
C SER C 138 -7.54 -54.03 -7.26
N GLN C 139 -6.92 -53.43 -8.29
CA GLN C 139 -7.13 -53.73 -9.70
C GLN C 139 -8.50 -53.30 -10.20
N TYR C 140 -9.14 -52.34 -9.53
CA TYR C 140 -10.41 -51.82 -10.01
C TYR C 140 -10.31 -50.39 -10.54
#